data_4M3N
#
_entry.id   4M3N
#
_cell.length_a   56.629
_cell.length_b   188.930
_cell.length_c   153.002
_cell.angle_alpha   90.00
_cell.angle_beta   90.00
_cell.angle_gamma   90.00
#
_symmetry.space_group_name_H-M   'C 2 2 21'
#
loop_
_entity.id
_entity.type
_entity.pdbx_description
1 polymer 'Purine nucleoside phosphorylase DeoD-type'
2 non-polymer 'PHOSPHATE ION'
3 non-polymer 'MAGNESIUM ION'
4 water water
#
_entity_poly.entity_id   1
_entity_poly.type   'polypeptide(L)'
_entity_poly.pdbx_seq_one_letter_code
;(MSE)HHHHHHSSGVDLGTENLYFQS(MSE)TPHISAPPGAVAEAILLPGDPLRAKYIAENFLENPVLYNQVRN(MSE)F
GYTGTYKGKRVSVQGTG(MSE)GIPSASIYIHELVQFYGCKTLIRVGTAGAITERLKLRDLVIAQAACTDSSINNLRFAG
QNYAPIATFDLLRRAYEQAQSRG(MSE)PVHVGNVLSTDTFYHDQPNPYQLWAQFGVLAVE(MSE)EAAGLYTLAAKFGV
QALCILTISDHLITGEKTTPQERQETFDQ(MSE)IEVALETI
;
_entity_poly.pdbx_strand_id   A,B,C
#
loop_
_chem_comp.id
_chem_comp.type
_chem_comp.name
_chem_comp.formula
MG non-polymer 'MAGNESIUM ION' 'Mg 2'
PO4 non-polymer 'PHOSPHATE ION' 'O4 P -3'
#
# COMPACT_ATOMS: atom_id res chain seq x y z
N THR A 24 3.52 -18.08 -15.30
CA THR A 24 3.46 -17.77 -13.82
C THR A 24 2.28 -18.50 -13.18
N PRO A 25 2.28 -18.60 -11.84
CA PRO A 25 1.13 -19.28 -11.25
C PRO A 25 -0.20 -18.54 -11.42
N HIS A 26 -0.20 -17.20 -11.43
CA HIS A 26 -1.51 -16.51 -11.45
C HIS A 26 -1.85 -15.79 -12.75
N ILE A 27 -0.85 -15.61 -13.60
CA ILE A 27 -1.07 -15.09 -14.94
C ILE A 27 -0.50 -16.11 -15.89
N SER A 28 -1.36 -16.68 -16.73
CA SER A 28 -0.91 -17.64 -17.72
C SER A 28 -1.05 -16.98 -19.09
N ALA A 29 0.03 -16.33 -19.48
CA ALA A 29 0.26 -15.85 -20.83
C ALA A 29 1.76 -16.07 -21.06
N PRO A 30 2.22 -16.11 -22.32
CA PRO A 30 3.68 -16.16 -22.55
C PRO A 30 4.31 -14.77 -22.38
N PRO A 31 5.63 -14.71 -22.08
N PRO A 31 5.63 -14.59 -22.31
CA PRO A 31 6.35 -13.46 -22.24
CA PRO A 31 6.27 -13.32 -22.01
C PRO A 31 6.15 -12.95 -23.67
C PRO A 31 5.97 -12.19 -23.00
N GLY A 32 5.90 -11.65 -23.82
N GLY A 32 5.77 -12.46 -24.27
CA GLY A 32 5.57 -11.10 -25.11
CA GLY A 32 5.46 -11.42 -25.23
C GLY A 32 4.13 -10.64 -25.19
C GLY A 32 4.19 -10.63 -25.04
N ALA A 33 3.21 -11.34 -24.51
CA ALA A 33 1.80 -10.94 -24.57
C ALA A 33 1.52 -9.69 -23.75
N VAL A 34 2.33 -9.45 -22.72
CA VAL A 34 2.09 -8.34 -21.80
C VAL A 34 2.99 -7.16 -22.11
N ALA A 35 2.43 -5.96 -22.24
CA ALA A 35 3.21 -4.75 -22.56
C ALA A 35 3.91 -4.16 -21.33
N GLU A 36 4.93 -3.32 -21.59
CA GLU A 36 5.78 -2.76 -20.54
C GLU A 36 5.03 -1.74 -19.72
N ALA A 37 4.08 -1.07 -20.37
CA ALA A 37 3.20 -0.11 -19.72
C ALA A 37 1.86 -0.78 -19.44
N ILE A 38 1.41 -0.67 -18.20
CA ILE A 38 0.23 -1.41 -17.79
C ILE A 38 -0.68 -0.61 -16.84
N LEU A 39 -1.98 -0.67 -17.10
CA LEU A 39 -2.97 -0.07 -16.20
C LEU A 39 -3.45 -1.15 -15.26
N LEU A 40 -3.59 -0.80 -14.00
CA LEU A 40 -3.93 -1.75 -12.98
C LEU A 40 -5.21 -1.37 -12.23
N PRO A 41 -6.40 -1.64 -12.80
CA PRO A 41 -7.61 -1.54 -12.00
C PRO A 41 -7.70 -2.76 -11.08
N GLY A 42 -8.54 -2.68 -10.08
CA GLY A 42 -8.73 -3.78 -9.16
C GLY A 42 -9.69 -4.82 -9.71
N ASP A 43 -10.79 -4.36 -10.32
CA ASP A 43 -11.86 -5.21 -10.81
C ASP A 43 -11.53 -5.70 -12.23
N PRO A 44 -11.50 -7.04 -12.44
CA PRO A 44 -11.27 -7.56 -13.80
C PRO A 44 -12.29 -7.10 -14.83
N LEU A 45 -13.52 -6.79 -14.40
CA LEU A 45 -14.53 -6.27 -15.32
C LEU A 45 -14.23 -4.80 -15.71
N ARG A 46 -13.60 -4.06 -14.80
CA ARG A 46 -13.07 -2.75 -15.18
C ARG A 46 -11.90 -2.89 -16.16
N ALA A 47 -11.04 -3.90 -15.99
CA ALA A 47 -10.01 -4.16 -17.00
C ALA A 47 -10.64 -4.40 -18.38
N LYS A 48 -11.71 -5.19 -18.41
CA LYS A 48 -12.40 -5.47 -19.67
C LYS A 48 -12.95 -4.18 -20.26
N TYR A 49 -13.63 -3.40 -19.42
CA TYR A 49 -14.17 -2.10 -19.84
C TYR A 49 -13.08 -1.19 -20.47
N ILE A 50 -11.94 -1.07 -19.81
CA ILE A 50 -10.88 -0.17 -20.24
C ILE A 50 -10.37 -0.65 -21.60
N ALA A 51 -10.08 -1.94 -21.67
CA ALA A 51 -9.54 -2.52 -22.90
C ALA A 51 -10.48 -2.30 -24.10
N GLU A 52 -11.76 -2.60 -23.91
CA GLU A 52 -12.75 -2.53 -24.98
C GLU A 52 -13.07 -1.09 -25.39
N ASN A 53 -12.97 -0.15 -24.47
CA ASN A 53 -13.36 1.22 -24.78
C ASN A 53 -12.24 2.19 -25.08
N PHE A 54 -11.00 1.86 -24.73
CA PHE A 54 -9.92 2.81 -24.84
C PHE A 54 -8.72 2.32 -25.63
N LEU A 55 -8.64 1.01 -25.87
CA LEU A 55 -7.50 0.45 -26.61
C LEU A 55 -7.92 -0.03 -28.00
N GLU A 56 -6.99 0.01 -28.95
CA GLU A 56 -7.19 -0.57 -30.28
C GLU A 56 -6.75 -2.03 -30.27
N ASN A 57 -7.53 -2.88 -30.94
CA ASN A 57 -7.27 -4.33 -30.99
C ASN A 57 -6.95 -4.97 -29.64
N PRO A 58 -7.82 -4.76 -28.62
CA PRO A 58 -7.54 -5.43 -27.34
C PRO A 58 -7.67 -6.95 -27.48
N VAL A 59 -6.75 -7.68 -26.84
CA VAL A 59 -6.77 -9.13 -26.85
C VAL A 59 -6.51 -9.62 -25.44
N LEU A 60 -7.40 -10.47 -24.94
CA LEU A 60 -7.25 -11.09 -23.63
C LEU A 60 -6.01 -11.97 -23.58
N TYR A 61 -5.21 -11.82 -22.54
CA TYR A 61 -4.06 -12.71 -22.33
C TYR A 61 -4.17 -13.57 -21.07
N ASN A 62 -5.11 -13.24 -20.18
CA ASN A 62 -5.27 -14.02 -18.94
C ASN A 62 -6.70 -14.23 -18.51
N GLN A 63 -7.00 -15.46 -18.11
CA GLN A 63 -8.33 -15.83 -17.61
C GLN A 63 -8.24 -16.58 -16.28
N VAL A 64 -7.01 -16.84 -15.81
CA VAL A 64 -6.81 -17.59 -14.56
C VAL A 64 -7.49 -16.82 -13.45
N ARG A 65 -8.30 -17.53 -12.64
CA ARG A 65 -9.11 -16.96 -11.53
CA ARG A 65 -9.11 -16.96 -11.53
C ARG A 65 -10.07 -15.86 -11.99
N ASN A 66 -10.44 -15.87 -13.28
CA ASN A 66 -11.29 -14.83 -13.86
C ASN A 66 -10.62 -13.45 -13.77
N MSE A 67 -9.30 -13.40 -13.56
CA MSE A 67 -8.60 -12.11 -13.38
C MSE A 67 -8.12 -11.63 -14.71
O MSE A 67 -6.92 -11.70 -15.02
CB MSE A 67 -7.50 -12.22 -12.31
CG MSE A 67 -6.99 -10.87 -11.81
SE MSE A 67 -8.44 -9.89 -10.87
CE MSE A 67 -8.40 -10.88 -9.19
N PHE A 68 -9.07 -11.13 -15.50
CA PHE A 68 -8.84 -10.68 -16.89
C PHE A 68 -7.64 -9.74 -17.04
N GLY A 69 -6.79 -10.03 -18.03
CA GLY A 69 -5.73 -9.12 -18.45
C GLY A 69 -5.81 -9.01 -19.96
N TYR A 70 -5.63 -7.78 -20.47
CA TYR A 70 -5.66 -7.47 -21.92
C TYR A 70 -4.44 -6.70 -22.41
N THR A 71 -4.12 -6.84 -23.70
CA THR A 71 -3.11 -6.01 -24.33
C THR A 71 -3.69 -5.45 -25.62
N GLY A 72 -3.52 -4.15 -25.84
CA GLY A 72 -3.91 -3.48 -27.08
C GLY A 72 -2.96 -2.34 -27.33
N THR A 73 -3.34 -1.43 -28.24
CA THR A 73 -2.51 -0.25 -28.48
C THR A 73 -3.22 1.06 -28.16
N TYR A 74 -2.42 2.05 -27.78
CA TYR A 74 -2.88 3.42 -27.58
C TYR A 74 -1.91 4.33 -28.32
N LYS A 75 -2.42 5.03 -29.33
CA LYS A 75 -1.60 5.91 -30.18
C LYS A 75 -0.36 5.15 -30.64
N GLY A 76 -0.58 3.93 -31.10
CA GLY A 76 0.47 3.13 -31.76
C GLY A 76 1.46 2.43 -30.85
N LYS A 77 1.26 2.54 -29.54
CA LYS A 77 2.13 1.86 -28.57
C LYS A 77 1.32 0.85 -27.75
N ARG A 78 1.96 -0.28 -27.45
CA ARG A 78 1.30 -1.33 -26.69
C ARG A 78 1.05 -0.89 -25.24
N VAL A 79 -0.15 -1.17 -24.74
CA VAL A 79 -0.51 -0.92 -23.34
C VAL A 79 -1.33 -2.13 -22.88
N SER A 80 -1.03 -2.61 -21.67
CA SER A 80 -1.79 -3.70 -21.09
C SER A 80 -2.69 -3.18 -20.00
N VAL A 81 -3.67 -3.99 -19.66
CA VAL A 81 -4.60 -3.67 -18.57
CA VAL A 81 -4.56 -3.67 -18.55
C VAL A 81 -4.91 -4.96 -17.81
N GLN A 82 -4.64 -4.97 -16.51
CA GLN A 82 -4.72 -6.18 -15.70
C GLN A 82 -5.48 -5.95 -14.39
N GLY A 83 -6.54 -6.74 -14.15
CA GLY A 83 -7.18 -6.79 -12.81
C GLY A 83 -6.22 -7.24 -11.74
N THR A 84 -6.33 -6.66 -10.54
CA THR A 84 -5.38 -6.95 -9.42
C THR A 84 -6.02 -7.62 -8.21
N GLY A 85 -7.35 -7.63 -8.16
CA GLY A 85 -8.05 -8.04 -6.91
C GLY A 85 -7.95 -6.97 -5.84
N MSE A 86 -8.45 -7.27 -4.64
CA MSE A 86 -8.55 -6.28 -3.57
C MSE A 86 -7.54 -6.59 -2.50
O MSE A 86 -7.40 -7.75 -2.08
CB MSE A 86 -9.95 -6.30 -3.00
CG MSE A 86 -10.98 -6.17 -4.13
SE MSE A 86 -12.76 -5.81 -3.34
CE MSE A 86 -13.16 -7.69 -2.94
N GLY A 87 -6.82 -5.56 -2.08
CA GLY A 87 -5.91 -5.65 -0.95
C GLY A 87 -4.46 -5.88 -1.38
N ILE A 88 -3.57 -5.50 -0.50
CA ILE A 88 -2.12 -5.55 -0.75
C ILE A 88 -1.72 -7.01 -1.06
N PRO A 89 -2.21 -8.01 -0.29
CA PRO A 89 -1.76 -9.38 -0.60
C PRO A 89 -2.11 -9.84 -2.03
N SER A 90 -3.33 -9.61 -2.49
CA SER A 90 -3.69 -9.98 -3.86
C SER A 90 -2.95 -9.15 -4.91
N ALA A 91 -2.95 -7.82 -4.76
CA ALA A 91 -2.40 -6.95 -5.77
C ALA A 91 -0.90 -7.28 -5.87
N SER A 92 -0.30 -7.57 -4.73
CA SER A 92 1.15 -7.81 -4.67
C SER A 92 1.53 -9.04 -5.50
N ILE A 93 0.66 -10.06 -5.50
CA ILE A 93 0.89 -11.26 -6.32
C ILE A 93 0.99 -10.86 -7.81
N TYR A 94 0.01 -10.11 -8.28
CA TYR A 94 -0.04 -9.72 -9.70
C TYR A 94 1.12 -8.78 -10.07
N ILE A 95 1.41 -7.84 -9.18
CA ILE A 95 2.45 -6.85 -9.43
C ILE A 95 3.79 -7.57 -9.51
N HIS A 96 4.04 -8.45 -8.56
CA HIS A 96 5.28 -9.24 -8.57
C HIS A 96 5.45 -9.98 -9.91
N GLU A 97 4.42 -10.72 -10.30
CA GLU A 97 4.47 -11.51 -11.54
C GLU A 97 4.59 -10.63 -12.77
N LEU A 98 3.86 -9.51 -12.80
CA LEU A 98 3.97 -8.62 -13.96
C LEU A 98 5.38 -8.07 -14.13
N VAL A 99 6.02 -7.72 -13.02
CA VAL A 99 7.31 -7.05 -13.10
C VAL A 99 8.38 -8.09 -13.34
N GLN A 100 8.38 -9.14 -12.52
CA GLN A 100 9.47 -10.13 -12.53
C GLN A 100 9.41 -11.14 -13.65
N PHE A 101 8.21 -11.51 -14.09
CA PHE A 101 8.08 -12.49 -15.15
CA PHE A 101 8.06 -12.50 -15.17
C PHE A 101 7.67 -11.86 -16.49
N TYR A 102 6.90 -10.76 -16.45
CA TYR A 102 6.44 -10.18 -17.72
C TYR A 102 7.16 -8.91 -18.18
N GLY A 103 8.13 -8.45 -17.40
CA GLY A 103 8.96 -7.30 -17.76
C GLY A 103 8.28 -5.94 -17.71
N CYS A 104 7.20 -5.83 -16.95
CA CYS A 104 6.52 -4.54 -16.88
C CYS A 104 7.37 -3.49 -16.17
N LYS A 105 7.36 -2.27 -16.73
CA LYS A 105 8.23 -1.19 -16.29
C LYS A 105 7.49 0.04 -15.79
N THR A 106 6.24 0.20 -16.20
CA THR A 106 5.47 1.40 -15.87
C THR A 106 4.07 0.93 -15.46
N LEU A 107 3.73 1.12 -14.19
CA LEU A 107 2.52 0.52 -13.65
C LEU A 107 1.65 1.62 -13.08
N ILE A 108 0.48 1.81 -13.64
CA ILE A 108 -0.43 2.87 -13.16
C ILE A 108 -1.73 2.26 -12.68
N ARG A 109 -1.97 2.37 -11.38
CA ARG A 109 -3.24 1.94 -10.80
C ARG A 109 -4.25 3.05 -11.02
N VAL A 110 -5.45 2.68 -11.47
CA VAL A 110 -6.57 3.61 -11.58
C VAL A 110 -7.70 3.00 -10.76
N GLY A 111 -8.34 3.79 -9.91
CA GLY A 111 -9.33 3.20 -9.02
C GLY A 111 -10.19 4.25 -8.37
N THR A 112 -11.07 3.81 -7.47
CA THR A 112 -11.89 4.70 -6.69
C THR A 112 -11.38 4.73 -5.25
N ALA A 113 -11.80 5.76 -4.52
CA ALA A 113 -11.38 5.89 -3.14
C ALA A 113 -12.45 6.65 -2.40
N GLY A 114 -12.43 6.49 -1.07
CA GLY A 114 -13.33 7.19 -0.17
C GLY A 114 -12.61 8.37 0.46
N ALA A 115 -13.14 9.58 0.26
CA ALA A 115 -12.59 10.80 0.84
C ALA A 115 -12.79 10.83 2.36
N ILE A 116 -11.75 11.23 3.08
CA ILE A 116 -11.84 11.30 4.54
C ILE A 116 -11.71 12.73 5.07
N THR A 117 -11.79 13.67 4.15
CA THR A 117 -11.76 15.11 4.50
C THR A 117 -12.77 15.88 3.68
N GLU A 118 -13.39 16.89 4.31
CA GLU A 118 -14.34 17.75 3.61
C GLU A 118 -13.69 18.67 2.59
N ARG A 119 -12.36 18.80 2.66
CA ARG A 119 -11.59 19.51 1.64
C ARG A 119 -11.78 18.89 0.25
N LEU A 120 -12.06 17.58 0.22
CA LEU A 120 -12.32 16.87 -1.02
C LEU A 120 -13.80 16.75 -1.28
N LYS A 121 -14.18 16.83 -2.55
CA LYS A 121 -15.56 16.67 -2.98
C LYS A 121 -15.69 15.42 -3.82
N LEU A 122 -16.91 14.88 -3.90
CA LEU A 122 -17.19 13.77 -4.81
C LEU A 122 -16.75 14.12 -6.22
N ARG A 123 -16.19 13.13 -6.91
CA ARG A 123 -15.68 13.29 -8.29
C ARG A 123 -14.31 13.99 -8.41
N ASP A 124 -13.72 14.44 -7.30
CA ASP A 124 -12.35 14.98 -7.31
C ASP A 124 -11.41 13.86 -7.74
N LEU A 125 -10.31 14.22 -8.39
CA LEU A 125 -9.26 13.26 -8.69
C LEU A 125 -8.20 13.37 -7.59
N VAL A 126 -7.73 12.25 -7.08
CA VAL A 126 -6.61 12.27 -6.15
C VAL A 126 -5.43 11.54 -6.78
N ILE A 127 -4.29 12.20 -6.83
CA ILE A 127 -3.06 11.50 -7.26
C ILE A 127 -2.20 11.22 -6.02
N ALA A 128 -1.94 9.94 -5.72
CA ALA A 128 -1.29 9.55 -4.47
C ALA A 128 0.21 9.82 -4.50
N GLN A 129 0.62 10.89 -3.81
CA GLN A 129 2.05 11.21 -3.69
C GLN A 129 2.76 10.13 -2.86
N ALA A 130 2.06 9.60 -1.87
CA ALA A 130 2.56 8.50 -1.05
C ALA A 130 1.35 7.75 -0.55
N ALA A 131 1.59 6.64 0.15
CA ALA A 131 0.53 5.81 0.69
C ALA A 131 0.89 5.35 2.09
N CYS A 132 0.16 5.87 3.08
CA CYS A 132 0.17 5.33 4.43
C CYS A 132 -0.50 3.93 4.43
N THR A 133 -0.27 3.16 5.48
CA THR A 133 -0.90 1.84 5.56
C THR A 133 -1.06 1.33 6.98
N ASP A 134 -2.03 0.43 7.18
CA ASP A 134 -2.10 -0.36 8.40
C ASP A 134 -1.58 -1.81 8.21
N SER A 135 -1.13 -2.09 6.99
CA SER A 135 -0.61 -3.42 6.65
C SER A 135 0.71 -3.65 7.40
N SER A 136 1.06 -4.91 7.66
CA SER A 136 2.30 -5.22 8.35
C SER A 136 3.46 -5.34 7.37
N ILE A 137 3.20 -5.19 6.06
CA ILE A 137 4.22 -5.34 4.98
CA ILE A 137 4.27 -5.46 5.07
C ILE A 137 5.61 -4.73 5.31
N ASN A 138 5.60 -3.46 5.70
CA ASN A 138 6.88 -2.78 5.89
C ASN A 138 7.41 -2.78 7.30
N ASN A 139 6.48 -2.80 8.27
CA ASN A 139 6.85 -3.07 9.65
C ASN A 139 7.70 -4.32 9.77
N LEU A 140 7.34 -5.35 9.01
CA LEU A 140 8.07 -6.60 9.01
C LEU A 140 9.42 -6.41 8.31
N ARG A 141 9.38 -5.82 7.12
CA ARG A 141 10.61 -5.59 6.33
C ARG A 141 11.65 -4.68 7.04
N PHE A 142 11.18 -3.62 7.72
CA PHE A 142 12.07 -2.60 8.28
C PHE A 142 12.14 -2.68 9.82
N ALA A 143 11.74 -3.82 10.37
CA ALA A 143 11.83 -4.10 11.80
C ALA A 143 11.26 -2.97 12.62
N GLY A 144 10.07 -2.52 12.24
CA GLY A 144 9.36 -1.51 13.02
C GLY A 144 9.68 -0.06 12.71
N GLN A 145 10.72 0.21 11.91
CA GLN A 145 10.98 1.58 11.45
C GLN A 145 9.96 1.97 10.39
N ASN A 146 9.96 3.24 9.99
CA ASN A 146 8.90 3.76 9.10
C ASN A 146 9.39 4.04 7.67
N TYR A 147 8.91 3.23 6.73
CA TYR A 147 9.18 3.43 5.29
C TYR A 147 7.96 4.11 4.63
N ALA A 148 8.23 5.13 3.82
CA ALA A 148 7.18 5.88 3.13
C ALA A 148 7.09 5.40 1.67
N PRO A 149 6.07 4.60 1.33
CA PRO A 149 5.89 4.16 -0.06
C PRO A 149 5.50 5.36 -0.93
N ILE A 150 6.28 5.64 -1.97
CA ILE A 150 6.05 6.86 -2.78
C ILE A 150 5.81 6.61 -4.29
N ALA A 151 5.11 7.53 -4.94
CA ALA A 151 4.94 7.48 -6.40
C ALA A 151 6.23 7.88 -7.11
N THR A 152 6.42 7.40 -8.33
CA THR A 152 7.46 7.94 -9.22
C THR A 152 7.12 9.39 -9.54
N PHE A 153 7.99 10.31 -9.10
CA PHE A 153 7.73 11.73 -9.30
C PHE A 153 7.43 12.07 -10.77
N ASP A 154 8.20 11.54 -11.72
CA ASP A 154 7.97 11.93 -13.11
C ASP A 154 6.53 11.62 -13.56
N LEU A 155 5.99 10.47 -13.13
CA LEU A 155 4.62 10.06 -13.46
C LEU A 155 3.62 10.95 -12.71
N LEU A 156 3.92 11.22 -11.45
CA LEU A 156 3.08 12.11 -10.63
C LEU A 156 2.92 13.48 -11.30
N ARG A 157 4.06 14.04 -11.72
CA ARG A 157 4.09 15.35 -12.36
C ARG A 157 3.28 15.38 -13.66
N ARG A 158 3.49 14.37 -14.51
CA ARG A 158 2.82 14.30 -15.80
C ARG A 158 1.34 14.09 -15.64
N ALA A 159 0.93 13.25 -14.68
CA ALA A 159 -0.50 13.03 -14.44
C ALA A 159 -1.16 14.30 -13.92
N TYR A 160 -0.47 15.01 -13.03
CA TYR A 160 -0.96 16.27 -12.52
C TYR A 160 -1.16 17.27 -13.65
N GLU A 161 -0.16 17.43 -14.51
CA GLU A 161 -0.28 18.33 -15.67
C GLU A 161 -1.41 17.91 -16.61
N GLN A 162 -1.62 16.61 -16.78
CA GLN A 162 -2.73 16.12 -17.59
C GLN A 162 -4.09 16.55 -17.02
N ALA A 163 -4.26 16.36 -15.71
CA ALA A 163 -5.51 16.70 -15.04
C ALA A 163 -5.76 18.20 -15.10
N GLN A 164 -4.70 18.98 -14.88
CA GLN A 164 -4.78 20.46 -14.95
C GLN A 164 -5.26 20.92 -16.32
N SER A 165 -4.72 20.30 -17.38
CA SER A 165 -5.02 20.70 -18.75
C SER A 165 -6.47 20.44 -19.15
N ARG A 166 -7.18 19.67 -18.33
CA ARG A 166 -8.58 19.34 -18.57
C ARG A 166 -9.51 20.05 -17.59
N GLY A 167 -8.93 20.91 -16.77
CA GLY A 167 -9.67 21.66 -15.75
C GLY A 167 -10.31 20.78 -14.70
N MSE A 168 -9.69 19.64 -14.40
CA MSE A 168 -10.22 18.70 -13.42
C MSE A 168 -9.84 19.10 -12.02
O MSE A 168 -8.70 19.50 -11.77
CB MSE A 168 -9.68 17.30 -13.69
CG MSE A 168 -10.33 16.67 -14.89
SE MSE A 168 -9.23 15.11 -15.39
CE MSE A 168 -9.99 13.82 -14.12
N PRO A 169 -10.79 19.03 -11.08
CA PRO A 169 -10.41 19.25 -9.69
C PRO A 169 -9.51 18.08 -9.29
N VAL A 170 -8.27 18.40 -8.94
CA VAL A 170 -7.27 17.39 -8.62
C VAL A 170 -6.49 17.78 -7.36
N HIS A 171 -6.19 16.79 -6.54
CA HIS A 171 -5.35 16.94 -5.36
C HIS A 171 -4.22 15.94 -5.43
N VAL A 172 -3.02 16.37 -5.03
CA VAL A 172 -1.87 15.49 -4.90
C VAL A 172 -1.51 15.39 -3.42
N GLY A 173 -1.52 14.18 -2.89
CA GLY A 173 -1.14 14.01 -1.49
C GLY A 173 -1.24 12.58 -1.02
N ASN A 174 -1.40 12.43 0.29
CA ASN A 174 -1.45 11.14 0.96
C ASN A 174 -2.73 10.38 0.77
N VAL A 175 -2.62 9.06 0.59
CA VAL A 175 -3.79 8.20 0.78
C VAL A 175 -3.46 7.14 1.85
N LEU A 176 -4.49 6.48 2.39
CA LEU A 176 -4.29 5.37 3.31
C LEU A 176 -4.70 4.06 2.62
N SER A 177 -3.73 3.14 2.49
CA SER A 177 -4.04 1.81 2.04
C SER A 177 -4.38 0.91 3.24
N THR A 178 -5.65 0.55 3.36
CA THR A 178 -6.04 -0.30 4.47
C THR A 178 -6.18 -1.78 4.06
N ASP A 179 -5.90 -2.66 5.01
CA ASP A 179 -6.25 -4.09 4.97
C ASP A 179 -7.73 -4.33 5.25
N THR A 180 -8.38 -3.33 5.85
CA THR A 180 -9.67 -3.58 6.47
C THR A 180 -10.76 -2.65 5.92
N PHE A 181 -11.63 -3.22 5.09
CA PHE A 181 -12.71 -2.50 4.44
C PHE A 181 -13.78 -2.22 5.52
N TYR A 182 -14.01 -3.20 6.38
CA TYR A 182 -15.00 -3.10 7.49
C TYR A 182 -14.30 -3.07 8.84
N HIS A 183 -14.13 -1.87 9.39
CA HIS A 183 -13.49 -1.68 10.70
C HIS A 183 -14.38 -2.04 11.91
N ASP A 184 -13.73 -2.41 13.02
CA ASP A 184 -14.44 -2.84 14.24
C ASP A 184 -15.25 -1.69 14.84
N GLN A 185 -14.70 -0.49 14.81
CA GLN A 185 -15.37 0.68 15.41
C GLN A 185 -15.65 1.79 14.40
N PRO A 186 -16.60 2.68 14.70
CA PRO A 186 -16.86 3.84 13.85
C PRO A 186 -15.70 4.85 13.83
N ASN A 187 -15.70 5.74 12.84
CA ASN A 187 -14.69 6.80 12.69
C ASN A 187 -13.25 6.31 12.68
N PRO A 188 -12.95 5.27 11.87
CA PRO A 188 -11.59 4.79 11.94
C PRO A 188 -10.54 5.72 11.33
N TYR A 189 -10.96 6.66 10.48
CA TYR A 189 -10.01 7.44 9.69
C TYR A 189 -9.70 8.86 10.19
N GLN A 190 -10.28 9.23 11.32
CA GLN A 190 -10.20 10.63 11.75
C GLN A 190 -8.78 11.08 12.05
N LEU A 191 -7.95 10.22 12.66
CA LEU A 191 -6.58 10.62 12.98
C LEU A 191 -5.76 10.81 11.72
N TRP A 192 -5.93 9.89 10.77
CA TRP A 192 -5.30 10.05 9.45
C TRP A 192 -5.66 11.40 8.82
N ALA A 193 -6.96 11.71 8.80
CA ALA A 193 -7.43 12.99 8.22
C ALA A 193 -6.81 14.21 8.91
N GLN A 194 -6.68 14.14 10.23
CA GLN A 194 -6.05 15.21 11.04
C GLN A 194 -4.60 15.43 10.65
N PHE A 195 -3.99 14.40 10.08
CA PHE A 195 -2.62 14.54 9.59
C PHE A 195 -2.53 14.60 8.07
N GLY A 196 -3.62 15.04 7.46
CA GLY A 196 -3.65 15.48 6.07
C GLY A 196 -3.97 14.40 5.04
N VAL A 197 -4.27 13.20 5.50
CA VAL A 197 -4.57 12.10 4.58
C VAL A 197 -5.89 12.38 3.86
N LEU A 198 -5.88 12.24 2.54
CA LEU A 198 -6.98 12.65 1.70
C LEU A 198 -8.09 11.61 1.54
N ALA A 199 -7.71 10.35 1.34
CA ALA A 199 -8.66 9.33 0.91
C ALA A 199 -8.13 7.95 1.29
N VAL A 200 -9.03 6.97 1.30
CA VAL A 200 -8.71 5.59 1.71
C VAL A 200 -8.95 4.67 0.52
N GLU A 201 -8.00 3.75 0.28
CA GLU A 201 -8.18 2.63 -0.66
C GLU A 201 -7.43 1.43 -0.07
N MSE A 202 -6.99 0.44 -0.86
CA MSE A 202 -6.51 -0.80 -0.23
C MSE A 202 -5.22 -1.38 -0.82
O MSE A 202 -4.79 -2.46 -0.40
CB MSE A 202 -7.57 -1.91 -0.27
CG MSE A 202 -8.78 -1.47 0.59
SE MSE A 202 -10.16 -2.88 0.62
CE MSE A 202 -9.14 -4.21 1.68
N GLU A 203 -4.62 -0.69 -1.77
CA GLU A 203 -3.51 -1.31 -2.54
C GLU A 203 -2.28 -0.43 -2.77
N ALA A 204 -2.43 0.90 -2.77
CA ALA A 204 -1.36 1.81 -3.20
C ALA A 204 -0.04 1.57 -2.48
N ALA A 205 -0.10 1.38 -1.16
CA ALA A 205 1.11 1.13 -0.39
C ALA A 205 1.86 -0.11 -0.92
N GLY A 206 1.14 -1.15 -1.33
CA GLY A 206 1.77 -2.36 -1.90
C GLY A 206 2.45 -2.03 -3.22
N LEU A 207 1.71 -1.35 -4.10
CA LEU A 207 2.23 -1.01 -5.42
C LEU A 207 3.49 -0.17 -5.32
N TYR A 208 3.46 0.86 -4.48
CA TYR A 208 4.60 1.76 -4.32
C TYR A 208 5.84 1.07 -3.74
N THR A 209 5.63 0.13 -2.81
CA THR A 209 6.75 -0.56 -2.16
C THR A 209 7.39 -1.52 -3.15
N LEU A 210 6.55 -2.28 -3.85
CA LEU A 210 7.07 -3.29 -4.82
C LEU A 210 7.73 -2.59 -5.99
N ALA A 211 7.20 -1.47 -6.43
CA ALA A 211 7.85 -0.72 -7.53
C ALA A 211 9.28 -0.31 -7.15
N ALA A 212 9.45 0.16 -5.92
CA ALA A 212 10.76 0.54 -5.38
C ALA A 212 11.63 -0.70 -5.24
N LYS A 213 11.04 -1.79 -4.76
CA LYS A 213 11.77 -3.08 -4.63
C LYS A 213 12.40 -3.46 -5.95
N PHE A 214 11.65 -3.29 -7.04
CA PHE A 214 12.11 -3.78 -8.36
C PHE A 214 12.73 -2.71 -9.24
N GLY A 215 12.70 -1.46 -8.78
CA GLY A 215 13.30 -0.36 -9.54
C GLY A 215 12.54 -0.04 -10.81
N VAL A 216 11.20 -0.14 -10.75
CA VAL A 216 10.32 0.27 -11.84
C VAL A 216 9.47 1.47 -11.39
N GLN A 217 8.67 1.97 -12.32
N GLN A 217 8.61 1.95 -12.28
CA GLN A 217 7.86 3.18 -12.12
CA GLN A 217 7.92 3.21 -12.06
C GLN A 217 6.47 2.79 -11.68
C GLN A 217 6.42 2.99 -11.89
N ALA A 218 5.84 3.63 -10.85
CA ALA A 218 4.46 3.37 -10.47
C ALA A 218 3.77 4.65 -10.09
N LEU A 219 2.45 4.65 -10.27
CA LEU A 219 1.62 5.77 -9.85
C LEU A 219 0.23 5.23 -9.55
N CYS A 220 -0.45 5.84 -8.56
CA CYS A 220 -1.83 5.49 -8.25
C CYS A 220 -2.71 6.73 -8.36
N ILE A 221 -3.68 6.67 -9.28
CA ILE A 221 -4.63 7.77 -9.52
C ILE A 221 -6.00 7.27 -9.09
N LEU A 222 -6.79 8.14 -8.44
CA LEU A 222 -8.03 7.72 -7.84
C LEU A 222 -9.10 8.77 -8.07
N THR A 223 -10.35 8.32 -8.25
CA THR A 223 -11.48 9.23 -8.28
CA THR A 223 -11.50 9.22 -8.30
C THR A 223 -12.29 9.02 -7.01
N ILE A 224 -12.78 10.12 -6.43
CA ILE A 224 -13.57 10.05 -5.21
C ILE A 224 -15.01 9.68 -5.53
N SER A 225 -15.35 8.43 -5.23
CA SER A 225 -16.68 7.89 -5.54
C SER A 225 -17.60 7.95 -4.34
N ASP A 226 -17.01 8.09 -3.15
CA ASP A 226 -17.74 8.03 -1.90
C ASP A 226 -17.11 9.02 -0.93
N HIS A 227 -17.93 9.77 -0.21
CA HIS A 227 -17.40 10.62 0.83
C HIS A 227 -17.70 10.03 2.20
N LEU A 228 -16.65 9.69 2.93
CA LEU A 228 -16.80 8.93 4.18
C LEU A 228 -17.12 9.83 5.38
N ILE A 229 -17.09 11.13 5.16
CA ILE A 229 -17.46 12.09 6.19
C ILE A 229 -18.92 12.51 5.99
N THR A 230 -19.24 12.90 4.76
CA THR A 230 -20.56 13.43 4.45
C THR A 230 -21.57 12.33 4.12
N GLY A 231 -21.08 11.14 3.76
CA GLY A 231 -21.97 10.04 3.40
C GLY A 231 -22.51 10.13 1.99
N GLU A 232 -22.23 11.26 1.32
CA GLU A 232 -22.58 11.45 -0.09
C GLU A 232 -21.94 10.37 -0.99
N LYS A 233 -22.62 10.07 -2.09
CA LYS A 233 -22.24 9.00 -2.99
C LYS A 233 -22.57 9.39 -4.43
N THR A 234 -21.68 9.03 -5.36
CA THR A 234 -21.87 9.32 -6.78
C THR A 234 -22.90 8.39 -7.42
N THR A 235 -23.66 8.92 -8.38
CA THR A 235 -24.60 8.12 -9.19
C THR A 235 -23.81 7.25 -10.18
N PRO A 236 -24.42 6.14 -10.67
CA PRO A 236 -23.79 5.31 -11.70
C PRO A 236 -23.32 6.13 -12.92
N GLN A 237 -24.13 7.10 -13.34
CA GLN A 237 -23.80 7.99 -14.45
C GLN A 237 -22.58 8.83 -14.13
N GLU A 238 -22.54 9.38 -12.92
CA GLU A 238 -21.41 10.19 -12.45
C GLU A 238 -20.10 9.39 -12.42
N ARG A 239 -20.16 8.19 -11.84
CA ARG A 239 -19.01 7.30 -11.75
C ARG A 239 -18.38 7.12 -13.13
N GLN A 240 -19.20 6.78 -14.12
CA GLN A 240 -18.69 6.46 -15.46
C GLN A 240 -17.97 7.65 -16.08
N GLU A 241 -18.59 8.83 -15.99
CA GLU A 241 -18.06 10.04 -16.59
C GLU A 241 -16.67 10.42 -16.05
N THR A 242 -16.52 10.41 -14.73
CA THR A 242 -15.23 10.78 -14.16
C THR A 242 -14.21 9.64 -14.27
N PHE A 243 -14.70 8.40 -14.25
CA PHE A 243 -13.82 7.24 -14.46
C PHE A 243 -13.17 7.31 -15.84
N ASP A 244 -13.98 7.54 -16.88
CA ASP A 244 -13.46 7.69 -18.25
C ASP A 244 -12.40 8.76 -18.33
N GLN A 245 -12.67 9.92 -17.72
CA GLN A 245 -11.71 11.01 -17.67
C GLN A 245 -10.41 10.58 -17.00
N MSE A 246 -10.51 9.87 -15.88
CA MSE A 246 -9.32 9.36 -15.18
C MSE A 246 -8.56 8.43 -16.09
O MSE A 246 -7.33 8.51 -16.14
CB MSE A 246 -9.73 8.63 -13.89
CG MSE A 246 -8.55 7.84 -13.33
SE MSE A 246 -9.02 7.03 -11.58
CE MSE A 246 -10.46 5.82 -12.16
N ILE A 247 -9.25 7.55 -16.80
CA ILE A 247 -8.53 6.63 -17.73
C ILE A 247 -7.78 7.41 -18.80
N GLU A 248 -8.42 8.45 -19.33
CA GLU A 248 -7.79 9.27 -20.37
C GLU A 248 -6.50 9.91 -19.84
N VAL A 249 -6.57 10.46 -18.62
CA VAL A 249 -5.40 11.02 -17.94
C VAL A 249 -4.29 9.96 -17.82
N ALA A 250 -4.67 8.76 -17.38
CA ALA A 250 -3.70 7.69 -17.19
C ALA A 250 -2.99 7.29 -18.49
N LEU A 251 -3.76 7.16 -19.56
CA LEU A 251 -3.22 6.76 -20.86
C LEU A 251 -2.30 7.84 -21.43
N GLU A 252 -2.62 9.10 -21.18
CA GLU A 252 -1.76 10.21 -21.63
C GLU A 252 -0.51 10.38 -20.76
N THR A 253 -0.50 9.73 -19.60
CA THR A 253 0.63 9.82 -18.67
C THR A 253 1.74 8.84 -19.03
N ILE A 254 1.36 7.68 -19.58
CA ILE A 254 2.33 6.74 -20.10
C ILE A 254 3.34 7.45 -21.00
N THR B 24 6.38 31.73 24.50
CA THR B 24 7.32 31.45 23.36
C THR B 24 8.73 31.16 23.89
N PRO B 25 8.90 30.07 24.66
CA PRO B 25 10.15 29.84 25.38
C PRO B 25 11.44 29.90 24.53
N HIS B 26 11.45 29.32 23.33
CA HIS B 26 12.74 29.14 22.62
C HIS B 26 13.06 30.21 21.56
N ILE B 27 12.04 30.95 21.16
CA ILE B 27 12.22 32.11 20.30
C ILE B 27 11.58 33.28 21.03
N SER B 28 12.41 34.24 21.43
CA SER B 28 11.93 35.45 22.07
C SER B 28 12.00 36.59 21.06
N ALA B 29 10.87 36.88 20.45
CA ALA B 29 10.72 37.97 19.51
C ALA B 29 9.29 38.46 19.62
N PRO B 30 9.04 39.76 19.30
CA PRO B 30 7.65 40.22 19.30
C PRO B 30 6.85 39.52 18.20
N PRO B 31 5.53 39.37 18.38
CA PRO B 31 4.74 38.84 17.27
C PRO B 31 4.79 39.82 16.10
N GLY B 32 5.06 39.29 14.91
CA GLY B 32 5.22 40.12 13.72
C GLY B 32 6.66 40.18 13.24
N ALA B 33 7.58 39.70 14.06
CA ALA B 33 9.01 39.78 13.74
C ALA B 33 9.43 38.70 12.75
N VAL B 34 8.60 37.67 12.60
CA VAL B 34 8.90 36.54 11.73
C VAL B 34 7.93 36.51 10.54
N ALA B 35 8.48 36.39 9.33
CA ALA B 35 7.66 36.33 8.11
C ALA B 35 6.92 34.99 8.00
N GLU B 36 5.85 34.97 7.22
CA GLU B 36 5.06 33.75 6.99
C GLU B 36 5.85 32.68 6.22
N ALA B 37 6.84 33.13 5.45
CA ALA B 37 7.74 32.27 4.70
C ALA B 37 9.08 32.23 5.40
N ILE B 38 9.59 31.02 5.64
CA ILE B 38 10.82 30.84 6.42
C ILE B 38 11.71 29.70 5.91
N LEU B 39 12.99 29.99 5.77
CA LEU B 39 13.99 28.98 5.49
C LEU B 39 14.51 28.39 6.80
N LEU B 40 14.74 27.08 6.79
CA LEU B 40 15.17 26.40 8.01
C LEU B 40 16.45 25.60 7.77
N PRO B 41 17.60 26.27 7.87
CA PRO B 41 18.85 25.55 7.96
C PRO B 41 18.97 25.00 9.38
N GLY B 42 19.88 24.06 9.59
CA GLY B 42 20.08 23.48 10.90
C GLY B 42 21.02 24.33 11.73
N ASP B 43 22.09 24.78 11.07
CA ASP B 43 23.16 25.52 11.73
C ASP B 43 22.78 27.00 11.83
N PRO B 44 22.76 27.56 13.06
CA PRO B 44 22.44 28.99 13.19
C PRO B 44 23.42 29.92 12.47
N LEU B 45 24.66 29.46 12.27
CA LEU B 45 25.66 30.22 11.51
C LEU B 45 25.37 30.17 10.01
N ARG B 46 24.74 29.09 9.56
CA ARG B 46 24.25 29.02 8.17
C ARG B 46 23.09 29.99 7.97
N ALA B 47 22.28 30.18 9.02
CA ALA B 47 21.20 31.17 8.95
C ALA B 47 21.80 32.57 8.81
N LYS B 48 22.85 32.84 9.59
CA LYS B 48 23.58 34.11 9.53
C LYS B 48 24.10 34.35 8.11
N TYR B 49 24.75 33.33 7.55
CA TYR B 49 25.27 33.38 6.18
C TYR B 49 24.19 33.70 5.15
N ILE B 50 23.05 33.03 5.25
CA ILE B 50 21.92 33.25 4.33
C ILE B 50 21.39 34.67 4.42
N ALA B 51 21.20 35.15 5.65
CA ALA B 51 20.63 36.48 5.90
C ALA B 51 21.54 37.59 5.36
N GLU B 52 22.84 37.43 5.55
CA GLU B 52 23.81 38.46 5.15
C GLU B 52 24.10 38.46 3.65
N ASN B 53 23.86 37.33 3.00
CA ASN B 53 24.24 37.19 1.59
C ASN B 53 23.08 37.21 0.61
N PHE B 54 21.90 36.83 1.08
CA PHE B 54 20.73 36.68 0.21
C PHE B 54 19.58 37.62 0.55
N LEU B 55 19.55 38.15 1.78
CA LEU B 55 18.42 38.97 2.21
C LEU B 55 18.74 40.47 2.28
N GLU B 56 17.76 41.29 1.91
CA GLU B 56 17.86 42.74 2.03
C GLU B 56 17.34 43.19 3.38
N ASN B 57 18.05 44.14 3.98
CA ASN B 57 17.74 44.66 5.33
C ASN B 57 17.50 43.56 6.37
N PRO B 58 18.44 42.58 6.46
CA PRO B 58 18.18 41.49 7.43
C PRO B 58 18.20 42.01 8.87
N VAL B 59 17.27 41.54 9.68
CA VAL B 59 17.16 41.95 11.07
C VAL B 59 17.15 40.69 11.95
N LEU B 60 18.08 40.64 12.91
CA LEU B 60 18.14 39.56 13.88
C LEU B 60 17.00 39.70 14.89
N TYR B 61 16.14 38.67 14.97
CA TYR B 61 15.04 38.69 15.92
C TYR B 61 15.20 37.69 17.08
N ASN B 62 16.17 36.77 16.96
CA ASN B 62 16.38 35.76 18.00
C ASN B 62 17.84 35.43 18.28
N GLN B 63 18.16 35.37 19.57
CA GLN B 63 19.49 35.03 20.05
C GLN B 63 19.47 33.95 21.15
N VAL B 64 18.28 33.64 21.65
CA VAL B 64 18.08 32.59 22.65
C VAL B 64 18.80 31.31 22.20
N ARG B 65 19.62 30.76 23.10
CA ARG B 65 20.45 29.56 22.86
CA ARG B 65 20.44 29.55 22.84
C ARG B 65 21.39 29.67 21.65
N ASN B 66 21.72 30.91 21.27
CA ASN B 66 22.55 31.18 20.07
C ASN B 66 21.87 30.71 18.78
N MSE B 67 20.56 30.47 18.84
CA MSE B 67 19.82 29.93 17.69
C MSE B 67 19.33 31.09 16.87
O MSE B 67 18.14 31.47 16.96
CB MSE B 67 18.73 28.95 18.15
CG MSE B 67 18.26 27.98 17.06
SE MSE B 67 19.74 26.86 16.39
CE MSE B 67 19.81 25.57 17.88
N PHE B 68 20.23 31.66 16.08
CA PHE B 68 19.96 32.89 15.33
C PHE B 68 18.76 32.75 14.41
N GLY B 69 17.91 33.78 14.41
CA GLY B 69 16.80 33.90 13.46
C GLY B 69 16.76 35.32 12.91
N TYR B 70 16.63 35.44 11.58
CA TYR B 70 16.62 36.73 10.90
C TYR B 70 15.39 36.91 10.02
N THR B 71 15.02 38.17 9.77
CA THR B 71 13.95 38.52 8.85
C THR B 71 14.42 39.61 7.90
N GLY B 72 14.16 39.41 6.62
CA GLY B 72 14.51 40.39 5.59
C GLY B 72 13.58 40.27 4.39
N THR B 73 14.04 40.74 3.23
CA THR B 73 13.22 40.65 2.02
C THR B 73 14.03 40.03 0.89
N TYR B 74 13.34 39.35 -0.02
CA TYR B 74 13.95 38.81 -1.22
C TYR B 74 13.02 39.10 -2.40
N LYS B 75 13.52 39.90 -3.33
CA LYS B 75 12.74 40.33 -4.49
C LYS B 75 11.33 40.74 -4.08
N GLY B 76 11.23 41.57 -3.06
CA GLY B 76 9.95 42.10 -2.59
C GLY B 76 9.18 41.20 -1.62
N LYS B 77 9.59 39.94 -1.48
CA LYS B 77 8.93 39.02 -0.56
C LYS B 77 9.59 39.06 0.81
N ARG B 78 8.78 39.10 1.85
CA ARG B 78 9.26 39.01 3.22
C ARG B 78 9.61 37.56 3.54
N VAL B 79 10.86 37.33 3.93
CA VAL B 79 11.35 35.98 4.24
C VAL B 79 12.14 35.97 5.55
N SER B 80 11.94 34.94 6.36
CA SER B 80 12.76 34.72 7.55
C SER B 80 13.70 33.53 7.36
N VAL B 81 14.76 33.49 8.18
CA VAL B 81 15.69 32.36 8.19
C VAL B 81 16.01 32.06 9.64
N GLN B 82 15.78 30.81 10.05
CA GLN B 82 15.88 30.43 11.46
C GLN B 82 16.59 29.10 11.65
N GLY B 83 17.68 29.10 12.42
CA GLY B 83 18.37 27.86 12.84
C GLY B 83 17.43 26.94 13.62
N THR B 84 17.56 25.63 13.42
CA THR B 84 16.64 24.67 14.05
C THR B 84 17.30 23.68 15.01
N GLY B 85 18.63 23.58 14.96
CA GLY B 85 19.28 22.55 15.76
C GLY B 85 19.16 21.21 15.03
N MSE B 86 19.73 20.16 15.62
CA MSE B 86 19.87 18.87 14.94
C MSE B 86 18.93 17.85 15.52
O MSE B 86 18.84 17.71 16.75
CB MSE B 86 21.30 18.35 15.08
CG MSE B 86 22.30 19.37 14.54
SE MSE B 86 24.08 18.55 14.43
CE MSE B 86 24.51 18.67 16.35
N GLY B 87 18.25 17.13 14.64
CA GLY B 87 17.37 16.04 15.05
C GLY B 87 15.93 16.48 15.18
N ILE B 88 15.01 15.52 15.06
CA ILE B 88 13.58 15.77 15.14
C ILE B 88 13.14 16.47 16.46
N PRO B 89 13.64 16.01 17.63
CA PRO B 89 13.22 16.69 18.85
C PRO B 89 13.57 18.19 18.89
N SER B 90 14.78 18.56 18.48
CA SER B 90 15.14 19.97 18.47
C SER B 90 14.36 20.75 17.41
N ALA B 91 14.39 20.27 16.17
CA ALA B 91 13.74 20.99 15.07
C ALA B 91 12.26 21.16 15.36
N SER B 92 11.65 20.14 15.97
CA SER B 92 10.22 20.16 16.29
C SER B 92 9.82 21.27 17.25
N ILE B 93 10.67 21.55 18.23
CA ILE B 93 10.46 22.68 19.15
C ILE B 93 10.35 24.00 18.36
N TYR B 94 11.33 24.27 17.52
CA TYR B 94 11.32 25.51 16.73
C TYR B 94 10.14 25.59 15.76
N ILE B 95 9.86 24.47 15.08
CA ILE B 95 8.77 24.43 14.10
C ILE B 95 7.44 24.68 14.79
N HIS B 96 7.21 24.03 15.94
CA HIS B 96 5.97 24.23 16.71
C HIS B 96 5.79 25.70 17.06
N GLU B 97 6.86 26.31 17.57
CA GLU B 97 6.80 27.69 18.01
C GLU B 97 6.61 28.64 16.83
N LEU B 98 7.32 28.39 15.74
CA LEU B 98 7.19 29.24 14.54
C LEU B 98 5.77 29.25 13.98
N VAL B 99 5.14 28.08 13.93
CA VAL B 99 3.83 27.93 13.34
C VAL B 99 2.75 28.41 14.30
N GLN B 100 2.79 27.93 15.54
CA GLN B 100 1.72 28.18 16.51
C GLN B 100 1.78 29.56 17.14
N PHE B 101 2.99 30.07 17.35
CA PHE B 101 3.14 31.36 18.04
C PHE B 101 3.41 32.51 17.09
N TYR B 102 4.19 32.26 16.04
CA TYR B 102 4.57 33.31 15.09
C TYR B 102 3.78 33.32 13.78
N GLY B 103 2.99 32.27 13.54
CA GLY B 103 2.11 32.22 12.37
C GLY B 103 2.77 31.93 11.03
N CYS B 104 3.89 31.21 11.07
CA CYS B 104 4.56 30.80 9.82
C CYS B 104 3.68 29.80 9.07
N LYS B 105 3.69 29.92 7.74
CA LYS B 105 2.80 29.16 6.83
C LYS B 105 3.56 28.34 5.79
N THR B 106 4.78 28.76 5.43
CA THR B 106 5.56 28.10 4.39
C THR B 106 6.93 27.87 4.94
N LEU B 107 7.27 26.61 5.18
CA LEU B 107 8.52 26.28 5.83
C LEU B 107 9.37 25.44 4.89
N ILE B 108 10.54 25.95 4.54
CA ILE B 108 11.46 25.20 3.66
C ILE B 108 12.78 24.93 4.34
N ARG B 109 13.03 23.66 4.63
CA ARG B 109 14.28 23.24 5.19
C ARG B 109 15.29 23.15 4.04
N VAL B 110 16.47 23.75 4.25
CA VAL B 110 17.57 23.67 3.31
C VAL B 110 18.76 23.07 4.05
N GLY B 111 19.37 22.04 3.48
CA GLY B 111 20.39 21.31 4.22
C GLY B 111 21.30 20.47 3.36
N THR B 112 22.21 19.77 4.00
CA THR B 112 23.02 18.79 3.32
C THR B 112 22.54 17.40 3.72
N ALA B 113 22.89 16.41 2.93
CA ALA B 113 22.54 15.03 3.25
C ALA B 113 23.63 14.11 2.71
N GLY B 114 23.68 12.90 3.25
CA GLY B 114 24.57 11.87 2.75
C GLY B 114 23.82 10.95 1.82
N ALA B 115 24.35 10.78 0.60
CA ALA B 115 23.74 9.90 -0.39
C ALA B 115 23.99 8.44 -0.04
N ILE B 116 22.99 7.61 -0.26
CA ILE B 116 23.11 6.19 0.08
C ILE B 116 22.91 5.29 -1.14
N THR B 117 22.92 5.89 -2.33
CA THR B 117 22.92 5.14 -3.58
C THR B 117 23.89 5.77 -4.58
N GLU B 118 24.54 4.92 -5.36
CA GLU B 118 25.45 5.39 -6.41
C GLU B 118 24.73 6.09 -7.58
N ARG B 119 23.41 5.96 -7.62
CA ARG B 119 22.61 6.73 -8.58
C ARG B 119 22.71 8.23 -8.30
N LEU B 120 23.10 8.59 -7.07
CA LEU B 120 23.37 9.98 -6.72
C LEU B 120 24.85 10.29 -6.78
N LYS B 121 25.16 11.52 -7.19
CA LYS B 121 26.53 12.02 -7.22
C LYS B 121 26.70 13.16 -6.23
N LEU B 122 27.93 13.40 -5.79
CA LEU B 122 28.23 14.58 -5.00
C LEU B 122 27.68 15.83 -5.66
N ARG B 123 27.15 16.74 -4.84
CA ARG B 123 26.61 18.01 -5.33
C ARG B 123 25.22 17.93 -5.97
N ASP B 124 24.68 16.73 -6.14
CA ASP B 124 23.28 16.58 -6.61
C ASP B 124 22.32 17.26 -5.64
N LEU B 125 21.22 17.78 -6.18
CA LEU B 125 20.16 18.33 -5.34
C LEU B 125 19.07 17.28 -5.13
N VAL B 126 18.66 17.06 -3.89
CA VAL B 126 17.55 16.15 -3.60
C VAL B 126 16.40 16.94 -3.03
N ILE B 127 15.21 16.76 -3.61
CA ILE B 127 14.01 17.37 -3.08
C ILE B 127 13.20 16.21 -2.50
N ALA B 128 12.96 16.26 -1.18
CA ALA B 128 12.34 15.15 -0.45
C ALA B 128 10.83 15.08 -0.66
N GLN B 129 10.40 14.12 -1.48
CA GLN B 129 9.00 13.87 -1.73
C GLN B 129 8.30 13.36 -0.47
N ALA B 130 9.02 12.55 0.29
CA ALA B 130 8.54 12.00 1.57
C ALA B 130 9.75 11.81 2.44
N ALA B 131 9.55 11.45 3.71
CA ALA B 131 10.68 11.21 4.58
C ALA B 131 10.43 9.97 5.40
N CYS B 132 11.20 8.91 5.16
CA CYS B 132 11.19 7.75 6.05
C CYS B 132 11.83 8.14 7.40
N THR B 133 11.64 7.32 8.43
CA THR B 133 12.27 7.64 9.72
C THR B 133 12.45 6.42 10.61
N ASP B 134 13.42 6.52 11.53
CA ASP B 134 13.58 5.55 12.60
C ASP B 134 13.14 6.12 13.96
N SER B 135 12.70 7.38 13.94
CA SER B 135 12.13 8.03 15.13
C SER B 135 10.82 7.36 15.56
N SER B 136 10.52 7.43 16.85
CA SER B 136 9.30 6.87 17.37
C SER B 136 8.12 7.83 17.19
N ILE B 137 8.37 9.05 16.69
CA ILE B 137 7.35 10.12 16.59
C ILE B 137 5.97 9.60 16.16
N ASN B 138 5.92 8.89 15.04
CA ASN B 138 4.66 8.45 14.46
C ASN B 138 4.22 7.05 14.85
N ASN B 139 5.18 6.18 15.18
CA ASN B 139 4.87 4.89 15.78
C ASN B 139 3.99 5.09 17.01
N LEU B 140 4.29 6.13 17.79
CA LEU B 140 3.52 6.46 18.98
C LEU B 140 2.15 7.04 18.64
N ARG B 141 2.15 8.04 17.75
CA ARG B 141 0.93 8.72 17.30
C ARG B 141 -0.11 7.77 16.67
N PHE B 142 0.37 6.87 15.82
CA PHE B 142 -0.49 5.99 15.02
C PHE B 142 -0.53 4.54 15.50
N ALA B 143 0.03 4.31 16.68
CA ALA B 143 0.00 3.02 17.36
C ALA B 143 0.53 1.93 16.45
N GLY B 144 1.71 2.16 15.89
CA GLY B 144 2.35 1.15 15.09
C GLY B 144 1.97 1.08 13.62
N GLN B 145 0.91 1.79 13.23
CA GLN B 145 0.54 1.90 11.81
C GLN B 145 1.54 2.83 11.11
N ASN B 146 1.53 2.85 9.78
CA ASN B 146 2.57 3.56 9.05
C ASN B 146 2.07 4.83 8.39
N TYR B 147 2.52 5.97 8.89
CA TYR B 147 2.25 7.26 8.32
C TYR B 147 3.42 7.73 7.49
N ALA B 148 3.11 8.17 6.27
CA ALA B 148 4.10 8.71 5.34
C ALA B 148 4.19 10.24 5.40
N PRO B 149 5.22 10.78 6.07
CA PRO B 149 5.35 12.24 6.08
C PRO B 149 5.74 12.74 4.68
N ILE B 150 4.95 13.66 4.14
CA ILE B 150 5.13 14.13 2.76
C ILE B 150 5.32 15.64 2.60
N ALA B 151 6.02 16.04 1.55
CA ALA B 151 6.13 17.45 1.14
C ALA B 151 4.81 17.99 0.59
N THR B 152 4.61 19.31 0.71
CA THR B 152 3.50 19.95 0.01
C THR B 152 3.79 19.90 -1.48
N PHE B 153 2.92 19.25 -2.24
CA PHE B 153 3.18 19.05 -3.67
C PHE B 153 3.47 20.35 -4.43
N ASP B 154 2.66 21.38 -4.21
CA ASP B 154 2.91 22.67 -4.88
C ASP B 154 4.36 23.16 -4.73
N LEU B 155 4.92 23.04 -3.52
CA LEU B 155 6.31 23.45 -3.27
C LEU B 155 7.30 22.53 -3.95
N LEU B 156 7.04 21.22 -3.86
CA LEU B 156 7.87 20.20 -4.46
C LEU B 156 7.96 20.48 -5.97
N ARG B 157 6.81 20.73 -6.59
CA ARG B 157 6.72 20.96 -8.03
C ARG B 157 7.50 22.21 -8.46
N ARG B 158 7.27 23.30 -7.75
CA ARG B 158 7.91 24.56 -8.12
C ARG B 158 9.42 24.57 -7.86
N ALA B 159 9.85 23.94 -6.77
CA ALA B 159 11.28 23.76 -6.49
C ALA B 159 11.93 22.95 -7.60
N TYR B 160 11.26 21.88 -8.03
CA TYR B 160 11.76 21.10 -9.13
C TYR B 160 11.90 21.97 -10.40
N GLU B 161 10.86 22.73 -10.73
CA GLU B 161 10.90 23.61 -11.90
C GLU B 161 12.05 24.62 -11.82
N GLN B 162 12.34 25.09 -10.61
CA GLN B 162 13.41 26.06 -10.39
C GLN B 162 14.79 25.45 -10.62
N ALA B 163 14.96 24.22 -10.12
CA ALA B 163 16.22 23.49 -10.31
C ALA B 163 16.44 23.11 -11.78
N GLN B 164 15.36 22.74 -12.46
CA GLN B 164 15.38 22.40 -13.89
C GLN B 164 15.81 23.57 -14.74
N SER B 165 15.22 24.74 -14.49
CA SER B 165 15.53 25.94 -15.26
C SER B 165 17.00 26.38 -15.11
N ARG B 166 17.68 25.83 -14.10
CA ARG B 166 19.07 26.14 -13.85
C ARG B 166 19.99 25.03 -14.32
N GLY B 167 19.41 23.97 -14.87
CA GLY B 167 20.16 22.81 -15.36
C GLY B 167 20.87 22.04 -14.26
N MSE B 168 20.28 22.07 -13.06
CA MSE B 168 20.88 21.43 -11.89
C MSE B 168 20.54 19.97 -11.87
O MSE B 168 19.39 19.59 -12.14
CB MSE B 168 20.36 22.06 -10.60
CG MSE B 168 20.97 23.43 -10.37
SE MSE B 168 19.97 24.31 -8.91
CE MSE B 168 20.88 23.42 -7.40
N PRO B 169 21.53 19.13 -11.53
CA PRO B 169 21.23 17.72 -11.31
C PRO B 169 20.33 17.64 -10.08
N VAL B 170 19.10 17.18 -10.29
CA VAL B 170 18.09 17.15 -9.25
C VAL B 170 17.36 15.80 -9.24
N HIS B 171 17.12 15.28 -8.04
CA HIS B 171 16.34 14.08 -7.86
C HIS B 171 15.20 14.36 -6.92
N VAL B 172 14.04 13.81 -7.23
CA VAL B 172 12.90 13.93 -6.33
C VAL B 172 12.53 12.53 -5.83
N GLY B 173 12.55 12.35 -4.51
CA GLY B 173 12.15 11.07 -3.94
C GLY B 173 12.31 11.00 -2.45
N ASN B 174 12.54 9.79 -1.95
CA ASN B 174 12.61 9.53 -0.50
C ASN B 174 13.94 9.92 0.13
N VAL B 175 13.84 10.39 1.36
CA VAL B 175 14.99 10.50 2.25
C VAL B 175 14.71 9.73 3.54
N LEU B 176 15.76 9.44 4.30
CA LEU B 176 15.58 8.87 5.63
C LEU B 176 15.98 9.88 6.70
N SER B 177 15.03 10.22 7.58
CA SER B 177 15.34 11.08 8.72
C SER B 177 15.73 10.18 9.91
N THR B 178 17.02 10.18 10.26
CA THR B 178 17.48 9.33 11.36
C THR B 178 17.66 10.10 12.67
N ASP B 179 17.41 9.42 13.79
CA ASP B 179 17.76 9.90 15.14
C ASP B 179 19.25 9.76 15.43
N THR B 180 19.93 8.97 14.61
CA THR B 180 21.25 8.44 14.97
C THR B 180 22.30 8.75 13.91
N PHE B 181 23.14 9.74 14.20
CA PHE B 181 24.22 10.12 13.30
C PHE B 181 25.26 9.00 13.28
N TYR B 182 25.55 8.46 14.47
CA TYR B 182 26.54 7.42 14.66
C TYR B 182 25.89 6.08 15.03
N HIS B 183 25.62 5.26 14.03
CA HIS B 183 25.03 3.93 14.25
C HIS B 183 25.97 2.91 14.92
N ASP B 184 25.39 2.01 15.71
CA ASP B 184 26.11 0.91 16.36
C ASP B 184 26.89 0.05 15.36
N GLN B 185 26.29 -0.21 14.20
CA GLN B 185 26.86 -1.13 13.22
C GLN B 185 27.18 -0.42 11.90
N PRO B 186 28.07 -1.01 11.08
CA PRO B 186 28.33 -0.42 9.76
C PRO B 186 27.28 -0.80 8.72
N ASN B 187 27.22 -0.03 7.63
CA ASN B 187 26.25 -0.20 6.54
C ASN B 187 24.79 -0.14 6.97
N PRO B 188 24.44 0.87 7.82
CA PRO B 188 23.10 0.86 8.39
C PRO B 188 22.01 1.21 7.39
N TYR B 189 22.38 1.73 6.22
CA TYR B 189 21.39 2.26 5.28
C TYR B 189 21.13 1.39 4.04
N GLN B 190 21.76 0.22 4.00
CA GLN B 190 21.68 -0.68 2.85
C GLN B 190 20.24 -1.04 2.47
N LEU B 191 19.43 -1.41 3.47
CA LEU B 191 18.05 -1.83 3.19
C LEU B 191 17.18 -0.67 2.67
N TRP B 192 17.37 0.50 3.25
CA TRP B 192 16.68 1.71 2.75
C TRP B 192 17.02 1.96 1.29
N ALA B 193 18.31 1.89 0.97
CA ALA B 193 18.73 2.09 -0.42
C ALA B 193 18.11 1.09 -1.38
N GLN B 194 18.01 -0.17 -0.97
CA GLN B 194 17.38 -1.23 -1.78
C GLN B 194 15.91 -0.95 -2.06
N PHE B 195 15.29 -0.14 -1.21
CA PHE B 195 13.91 0.30 -1.44
C PHE B 195 13.80 1.75 -1.90
N GLY B 196 14.86 2.19 -2.56
CA GLY B 196 14.85 3.42 -3.32
C GLY B 196 15.15 4.71 -2.58
N VAL B 197 15.40 4.63 -1.28
CA VAL B 197 15.72 5.85 -0.50
C VAL B 197 17.04 6.47 -1.02
N LEU B 198 17.03 7.78 -1.16
CA LEU B 198 18.13 8.50 -1.84
C LEU B 198 19.21 8.94 -0.91
N ALA B 199 18.83 9.46 0.26
CA ALA B 199 19.79 10.12 1.14
C ALA B 199 19.29 10.17 2.57
N VAL B 200 20.20 10.47 3.48
CA VAL B 200 19.95 10.43 4.91
C VAL B 200 20.20 11.83 5.48
N GLU B 201 19.25 12.32 6.27
CA GLU B 201 19.44 13.51 7.11
C GLU B 201 18.72 13.24 8.44
N MSE B 202 18.33 14.27 9.18
CA MSE B 202 17.82 14.03 10.55
C MSE B 202 16.55 14.72 10.93
O MSE B 202 16.10 14.60 12.09
CB MSE B 202 18.93 14.37 11.55
CG MSE B 202 20.20 13.54 11.32
SE MSE B 202 21.53 13.91 12.73
CE MSE B 202 20.52 13.21 14.27
N GLU B 203 15.91 15.44 10.01
CA GLU B 203 14.77 16.31 10.42
C GLU B 203 13.49 16.27 9.59
N ALA B 204 13.61 15.92 8.31
CA ALA B 204 12.50 16.11 7.36
C ALA B 204 11.21 15.43 7.81
N ALA B 205 11.31 14.20 8.34
CA ALA B 205 10.12 13.49 8.83
C ALA B 205 9.39 14.31 9.88
N GLY B 206 10.14 14.98 10.76
CA GLY B 206 9.50 15.82 11.78
C GLY B 206 8.84 17.04 11.15
N LEU B 207 9.57 17.70 10.24
CA LEU B 207 9.01 18.89 9.56
C LEU B 207 7.73 18.51 8.80
N TYR B 208 7.77 17.43 8.03
CA TYR B 208 6.62 17.04 7.24
C TYR B 208 5.41 16.65 8.09
N THR B 209 5.68 15.98 9.21
CA THR B 209 4.59 15.55 10.09
C THR B 209 3.95 16.76 10.77
N LEU B 210 4.79 17.66 11.27
CA LEU B 210 4.28 18.87 11.97
C LEU B 210 3.54 19.80 11.01
N ALA B 211 4.06 19.95 9.79
CA ALA B 211 3.36 20.76 8.79
C ALA B 211 1.91 20.26 8.58
N ALA B 212 1.75 18.94 8.45
CA ALA B 212 0.43 18.33 8.26
C ALA B 212 -0.42 18.51 9.50
N LYS B 213 0.20 18.32 10.67
CA LYS B 213 -0.48 18.48 11.97
C LYS B 213 -1.14 19.86 12.06
N PHE B 214 -0.43 20.88 11.60
CA PHE B 214 -0.90 22.28 11.74
C PHE B 214 -1.54 22.81 10.46
N GLY B 215 -1.56 22.00 9.41
CA GLY B 215 -2.13 22.42 8.13
C GLY B 215 -1.40 23.56 7.45
N VAL B 216 -0.07 23.54 7.53
CA VAL B 216 0.75 24.52 6.83
C VAL B 216 1.56 23.77 5.78
N GLN B 217 2.38 24.51 5.05
CA GLN B 217 3.04 23.96 3.88
C GLN B 217 4.53 23.80 4.13
N ALA B 218 5.08 22.68 3.68
CA ALA B 218 6.49 22.46 3.95
C ALA B 218 7.21 21.72 2.83
N LEU B 219 8.51 21.91 2.82
CA LEU B 219 9.40 21.27 1.85
C LEU B 219 10.81 21.14 2.42
N CYS B 220 11.49 20.06 2.07
CA CYS B 220 12.89 19.88 2.41
C CYS B 220 13.74 19.70 1.15
N ILE B 221 14.73 20.59 0.98
CA ILE B 221 15.66 20.52 -0.15
C ILE B 221 17.07 20.25 0.38
N LEU B 222 17.82 19.37 -0.29
CA LEU B 222 19.11 18.92 0.25
C LEU B 222 20.16 18.91 -0.85
N THR B 223 21.40 19.21 -0.49
CA THR B 223 22.53 19.01 -1.40
C THR B 223 23.37 17.86 -0.88
N ILE B 224 23.86 17.04 -1.80
CA ILE B 224 24.68 15.89 -1.41
C ILE B 224 26.11 16.36 -1.14
N SER B 225 26.42 16.53 0.15
CA SER B 225 27.74 16.95 0.61
C SER B 225 28.66 15.75 0.81
N ASP B 226 28.07 14.61 1.16
CA ASP B 226 28.85 13.39 1.39
C ASP B 226 28.19 12.20 0.70
N HIS B 227 29.02 11.29 0.21
CA HIS B 227 28.52 10.05 -0.34
C HIS B 227 28.89 8.89 0.56
N LEU B 228 27.89 8.36 1.25
CA LEU B 228 28.09 7.34 2.27
C LEU B 228 28.44 5.98 1.68
N ILE B 229 28.30 5.82 0.37
CA ILE B 229 28.70 4.59 -0.32
C ILE B 229 30.13 4.67 -0.86
N THR B 230 30.45 5.73 -1.59
CA THR B 230 31.76 5.87 -2.25
C THR B 230 32.81 6.49 -1.33
N GLY B 231 32.36 7.06 -0.22
CA GLY B 231 33.26 7.70 0.73
C GLY B 231 33.73 9.06 0.29
N GLU B 232 33.22 9.52 -0.85
CA GLU B 232 33.53 10.85 -1.39
C GLU B 232 33.03 11.98 -0.48
N LYS B 233 33.74 13.09 -0.50
CA LYS B 233 33.34 14.29 0.23
C LYS B 233 33.53 15.53 -0.63
N THR B 234 32.69 16.54 -0.41
CA THR B 234 32.79 17.81 -1.12
C THR B 234 33.84 18.71 -0.50
N THR B 235 34.56 19.46 -1.33
CA THR B 235 35.50 20.47 -0.87
C THR B 235 34.72 21.69 -0.35
N PRO B 236 35.32 22.49 0.57
CA PRO B 236 34.64 23.69 1.07
C PRO B 236 34.17 24.66 -0.01
N GLN B 237 34.91 24.74 -1.12
CA GLN B 237 34.54 25.58 -2.26
C GLN B 237 33.33 25.00 -3.00
N GLU B 238 33.32 23.68 -3.20
CA GLU B 238 32.21 22.98 -3.82
C GLU B 238 30.92 23.15 -3.03
N ARG B 239 31.03 22.98 -1.70
CA ARG B 239 29.88 23.11 -0.81
C ARG B 239 29.22 24.46 -0.92
N GLN B 240 30.01 25.53 -0.82
CA GLN B 240 29.48 26.89 -0.87
C GLN B 240 28.79 27.19 -2.21
N GLU B 241 29.36 26.69 -3.30
CA GLU B 241 28.82 26.94 -4.64
C GLU B 241 27.43 26.32 -4.85
N THR B 242 27.32 25.03 -4.54
CA THR B 242 26.05 24.32 -4.68
C THR B 242 25.07 24.72 -3.58
N PHE B 243 25.61 25.07 -2.42
CA PHE B 243 24.78 25.61 -1.35
C PHE B 243 24.11 26.91 -1.77
N ASP B 244 24.88 27.82 -2.35
CA ASP B 244 24.34 29.11 -2.81
C ASP B 244 23.18 28.92 -3.78
N GLN B 245 23.36 27.97 -4.69
CA GLN B 245 22.36 27.61 -5.69
C GLN B 245 21.07 27.10 -5.05
N MSE B 246 21.22 26.26 -4.02
CA MSE B 246 20.08 25.67 -3.32
C MSE B 246 19.26 26.77 -2.68
O MSE B 246 18.04 26.77 -2.78
CB MSE B 246 20.54 24.65 -2.28
CG MSE B 246 19.44 24.37 -1.26
SE MSE B 246 19.91 22.82 -0.13
CE MSE B 246 21.39 23.65 0.87
N ILE B 247 19.95 27.71 -2.02
CA ILE B 247 19.29 28.80 -1.34
C ILE B 247 18.49 29.65 -2.32
N GLU B 248 19.09 29.93 -3.48
CA GLU B 248 18.40 30.65 -4.55
C GLU B 248 17.09 29.93 -4.93
N VAL B 249 17.20 28.62 -5.19
CA VAL B 249 16.02 27.80 -5.50
C VAL B 249 14.93 27.93 -4.43
N ALA B 250 15.30 27.76 -3.17
CA ALA B 250 14.35 27.87 -2.05
C ALA B 250 13.69 29.24 -2.00
N LEU B 251 14.49 30.29 -2.12
CA LEU B 251 13.99 31.66 -2.09
C LEU B 251 13.05 31.96 -3.24
N GLU B 252 13.35 31.41 -4.42
CA GLU B 252 12.47 31.59 -5.57
C GLU B 252 11.16 30.81 -5.42
N THR B 253 11.23 29.66 -4.76
CA THR B 253 10.07 28.79 -4.58
C THR B 253 9.10 29.36 -3.56
N ILE B 254 9.67 29.96 -2.51
CA ILE B 254 8.92 30.26 -1.30
C ILE B 254 7.81 31.31 -1.49
N THR C 24 -23.24 -6.38 0.33
CA THR C 24 -24.03 -5.70 -0.75
C THR C 24 -23.15 -4.93 -1.74
N PRO C 25 -22.08 -4.24 -1.27
CA PRO C 25 -21.23 -3.63 -2.27
C PRO C 25 -20.42 -4.61 -3.12
N HIS C 26 -20.11 -5.81 -2.60
CA HIS C 26 -19.31 -6.77 -3.39
C HIS C 26 -20.06 -8.05 -3.81
N ILE C 27 -21.23 -8.26 -3.21
CA ILE C 27 -22.13 -9.33 -3.63
C ILE C 27 -23.48 -8.68 -3.89
N SER C 28 -23.98 -8.83 -5.11
CA SER C 28 -25.27 -8.26 -5.46
C SER C 28 -26.22 -9.41 -5.67
N ALA C 29 -26.87 -9.80 -4.59
CA ALA C 29 -27.91 -10.83 -4.61
C ALA C 29 -28.93 -10.42 -3.57
N PRO C 30 -30.22 -10.80 -3.77
CA PRO C 30 -31.27 -10.55 -2.76
C PRO C 30 -31.02 -11.35 -1.47
N PRO C 31 -31.66 -10.96 -0.34
N PRO C 31 -31.42 -10.81 -0.30
CA PRO C 31 -31.27 -11.39 1.00
CA PRO C 31 -31.37 -11.63 0.91
C PRO C 31 -31.42 -12.89 1.33
C PRO C 31 -32.14 -12.92 0.69
N GLY C 32 -32.18 -13.64 0.53
N GLY C 32 -31.62 -14.04 1.19
CA GLY C 32 -32.38 -15.08 0.79
CA GLY C 32 -32.24 -15.34 0.94
C GLY C 32 -31.70 -15.98 -0.23
C GLY C 32 -31.66 -16.07 -0.25
N ALA C 33 -30.93 -15.37 -1.12
CA ALA C 33 -30.27 -16.05 -2.25
C ALA C 33 -29.12 -16.94 -1.80
N VAL C 34 -28.53 -16.62 -0.64
CA VAL C 34 -27.38 -17.36 -0.12
C VAL C 34 -27.76 -18.27 1.04
N ALA C 35 -27.25 -19.51 1.04
CA ALA C 35 -27.58 -20.47 2.09
C ALA C 35 -26.77 -20.21 3.36
N GLU C 36 -27.27 -20.74 4.48
CA GLU C 36 -26.59 -20.56 5.76
C GLU C 36 -25.27 -21.30 5.80
N ALA C 37 -25.17 -22.40 5.07
CA ALA C 37 -23.92 -23.17 4.94
C ALA C 37 -23.23 -22.84 3.62
N ILE C 38 -21.94 -22.54 3.67
CA ILE C 38 -21.28 -22.02 2.49
C ILE C 38 -19.84 -22.54 2.40
N LEU C 39 -19.49 -23.01 1.22
CA LEU C 39 -18.10 -23.39 0.89
C LEU C 39 -17.37 -22.21 0.29
N LEU C 40 -16.14 -22.02 0.71
CA LEU C 40 -15.40 -20.82 0.38
C LEU C 40 -14.05 -21.16 -0.27
N PRO C 41 -14.15 -21.55 -1.60
CA PRO C 41 -12.86 -21.60 -2.29
C PRO C 41 -12.46 -20.15 -2.60
N GLY C 42 -11.22 -19.95 -2.81
CA GLY C 42 -10.64 -18.75 -3.32
C GLY C 42 -10.88 -18.40 -4.75
N ASP C 43 -10.82 -19.36 -5.66
CA ASP C 43 -10.90 -19.06 -7.06
C ASP C 43 -12.34 -19.15 -7.47
N PRO C 44 -12.87 -18.08 -8.04
CA PRO C 44 -14.28 -18.15 -8.48
C PRO C 44 -14.53 -19.27 -9.50
N LEU C 45 -13.51 -19.64 -10.27
CA LEU C 45 -13.69 -20.75 -11.21
C LEU C 45 -13.77 -22.10 -10.49
N ARG C 46 -13.14 -22.22 -9.32
CA ARG C 46 -13.37 -23.38 -8.48
C ARG C 46 -14.78 -23.37 -7.87
N ALA C 47 -15.31 -22.20 -7.57
CA ALA C 47 -16.70 -22.15 -7.09
C ALA C 47 -17.66 -22.69 -8.15
N LYS C 48 -17.44 -22.27 -9.39
CA LYS C 48 -18.19 -22.78 -10.53
C LYS C 48 -18.08 -24.31 -10.63
N TYR C 49 -16.85 -24.81 -10.61
CA TYR C 49 -16.63 -26.25 -10.66
C TYR C 49 -17.41 -27.01 -9.58
N ILE C 50 -17.33 -26.53 -8.33
CA ILE C 50 -18.00 -27.16 -7.20
C ILE C 50 -19.51 -27.17 -7.40
N ALA C 51 -20.04 -26.02 -7.80
CA ALA C 51 -21.50 -25.89 -8.05
C ALA C 51 -22.02 -26.88 -9.09
N GLU C 52 -21.31 -26.95 -10.22
CA GLU C 52 -21.73 -27.75 -11.36
C GLU C 52 -21.56 -29.25 -11.12
N ASN C 53 -20.64 -29.62 -10.23
CA ASN C 53 -20.29 -31.03 -10.11
C ASN C 53 -20.79 -31.70 -8.85
N PHE C 54 -21.08 -30.91 -7.82
CA PHE C 54 -21.47 -31.46 -6.55
C PHE C 54 -22.84 -31.01 -6.08
N LEU C 55 -23.37 -29.94 -6.67
CA LEU C 55 -24.68 -29.45 -6.24
C LEU C 55 -25.80 -29.75 -7.23
N GLU C 56 -26.99 -29.96 -6.70
CA GLU C 56 -28.21 -30.09 -7.49
C GLU C 56 -28.83 -28.71 -7.67
N ASN C 57 -29.39 -28.46 -8.85
CA ASN C 57 -29.97 -27.16 -9.22
C ASN C 57 -29.12 -25.94 -8.82
N PRO C 58 -27.82 -25.96 -9.18
CA PRO C 58 -26.99 -24.78 -8.85
C PRO C 58 -27.52 -23.56 -9.59
N VAL C 59 -27.64 -22.44 -8.87
CA VAL C 59 -28.03 -21.18 -9.50
C VAL C 59 -27.06 -20.08 -9.08
N LEU C 60 -26.52 -19.36 -10.06
CA LEU C 60 -25.62 -18.24 -9.81
C LEU C 60 -26.36 -17.12 -9.10
N TYR C 61 -25.76 -16.59 -8.04
CA TYR C 61 -26.32 -15.40 -7.39
C TYR C 61 -25.41 -14.17 -7.44
N ASN C 62 -24.14 -14.35 -7.82
CA ASN C 62 -23.21 -13.22 -7.91
C ASN C 62 -22.24 -13.28 -9.08
N GLN C 63 -22.05 -12.11 -9.72
CA GLN C 63 -21.11 -11.94 -10.82
C GLN C 63 -20.20 -10.73 -10.64
N VAL C 64 -20.46 -9.93 -9.59
CA VAL C 64 -19.69 -8.70 -9.33
C VAL C 64 -18.22 -9.05 -9.20
N ARG C 65 -17.38 -8.31 -9.93
CA ARG C 65 -15.92 -8.52 -9.96
CA ARG C 65 -15.92 -8.53 -9.94
C ARG C 65 -15.54 -9.93 -10.43
N ASN C 66 -16.45 -10.58 -11.19
CA ASN C 66 -16.28 -11.95 -11.63
C ASN C 66 -16.17 -12.93 -10.46
N MSE C 67 -16.59 -12.52 -9.27
CA MSE C 67 -16.46 -13.32 -8.05
C MSE C 67 -17.68 -14.22 -7.90
O MSE C 67 -18.50 -14.01 -7.01
CB MSE C 67 -16.17 -12.45 -6.82
CG MSE C 67 -15.51 -13.21 -5.68
SE MSE C 67 -13.77 -14.05 -6.20
CE MSE C 67 -12.62 -12.45 -6.06
N PHE C 68 -17.76 -15.25 -8.73
CA PHE C 68 -18.92 -16.15 -8.80
C PHE C 68 -19.32 -16.73 -7.45
N GLY C 69 -20.63 -16.70 -7.21
CA GLY C 69 -21.22 -17.40 -6.07
C GLY C 69 -22.47 -18.12 -6.57
N TYR C 70 -22.68 -19.33 -6.06
CA TYR C 70 -23.81 -20.20 -6.44
C TYR C 70 -24.53 -20.75 -5.22
N THR C 71 -25.83 -21.02 -5.37
CA THR C 71 -26.59 -21.78 -4.37
C THR C 71 -27.24 -23.01 -5.03
N GLY C 72 -27.12 -24.16 -4.38
CA GLY C 72 -27.74 -25.41 -4.84
C GLY C 72 -28.12 -26.23 -3.62
N THR C 73 -28.51 -27.48 -3.84
CA THR C 73 -28.73 -28.38 -2.70
C THR C 73 -27.77 -29.57 -2.71
N TYR C 74 -27.50 -30.05 -1.49
CA TYR C 74 -26.75 -31.28 -1.24
C TYR C 74 -27.58 -32.10 -0.24
N LYS C 75 -28.00 -33.28 -0.69
CA LYS C 75 -28.86 -34.19 0.10
C LYS C 75 -30.06 -33.45 0.73
N GLY C 76 -30.69 -32.60 -0.09
CA GLY C 76 -31.90 -31.90 0.33
C GLY C 76 -31.71 -30.60 1.11
N LYS C 77 -30.48 -30.30 1.50
CA LYS C 77 -30.19 -29.04 2.22
C LYS C 77 -29.44 -28.05 1.35
N ARG C 78 -29.84 -26.78 1.44
CA ARG C 78 -29.23 -25.70 0.68
C ARG C 78 -27.76 -25.52 1.08
N VAL C 79 -26.90 -25.38 0.07
CA VAL C 79 -25.48 -25.06 0.29
C VAL C 79 -25.09 -24.02 -0.77
N SER C 80 -24.26 -23.06 -0.37
CA SER C 80 -23.72 -22.09 -1.30
C SER C 80 -22.22 -22.30 -1.48
N VAL C 81 -21.70 -21.77 -2.58
CA VAL C 81 -20.28 -21.82 -2.86
CA VAL C 81 -20.28 -21.82 -2.89
C VAL C 81 -19.90 -20.45 -3.44
N GLN C 82 -18.92 -19.79 -2.81
CA GLN C 82 -18.56 -18.42 -3.13
C GLN C 82 -17.05 -18.25 -3.23
N GLY C 83 -16.56 -17.74 -4.37
CA GLY C 83 -15.15 -17.31 -4.50
C GLY C 83 -14.80 -16.18 -3.54
N THR C 84 -13.58 -16.19 -3.00
CA THR C 84 -13.16 -15.21 -1.95
C THR C 84 -12.04 -14.27 -2.39
N GLY C 85 -11.34 -14.61 -3.48
CA GLY C 85 -10.11 -13.86 -3.81
C GLY C 85 -9.00 -14.22 -2.84
N MSE C 86 -7.79 -13.68 -3.08
CA MSE C 86 -6.63 -14.05 -2.27
C MSE C 86 -6.30 -13.04 -1.19
O MSE C 86 -6.23 -11.84 -1.46
CB MSE C 86 -5.42 -14.29 -3.20
CG MSE C 86 -5.88 -15.01 -4.44
SE MSE C 86 -4.32 -15.54 -5.55
CE MSE C 86 -4.28 -13.87 -6.58
N GLY C 87 -6.07 -13.57 0.00
CA GLY C 87 -5.49 -12.83 1.11
C GLY C 87 -6.58 -12.36 2.04
N ILE C 88 -6.16 -12.07 3.26
CA ILE C 88 -7.06 -11.76 4.36
C ILE C 88 -7.90 -10.51 4.00
N PRO C 89 -7.29 -9.45 3.40
CA PRO C 89 -8.12 -8.27 3.05
C PRO C 89 -9.29 -8.58 2.09
N SER C 90 -9.03 -9.33 1.02
CA SER C 90 -10.07 -9.73 0.08
C SER C 90 -11.09 -10.68 0.71
N ALA C 91 -10.62 -11.75 1.33
CA ALA C 91 -11.51 -12.78 1.85
C ALA C 91 -12.38 -12.16 2.92
N SER C 92 -11.77 -11.28 3.70
CA SER C 92 -12.47 -10.62 4.82
C SER C 92 -13.69 -9.82 4.36
N ILE C 93 -13.57 -9.13 3.22
CA ILE C 93 -14.69 -8.40 2.60
C ILE C 93 -15.84 -9.36 2.31
N TYR C 94 -15.56 -10.48 1.64
CA TYR C 94 -16.62 -11.44 1.34
C TYR C 94 -17.23 -12.06 2.62
N ILE C 95 -16.37 -12.47 3.55
CA ILE C 95 -16.85 -13.12 4.77
C ILE C 95 -17.74 -12.16 5.57
N HIS C 96 -17.28 -10.92 5.70
CA HIS C 96 -18.10 -9.93 6.42
C HIS C 96 -19.50 -9.80 5.84
N GLU C 97 -19.56 -9.61 4.52
CA GLU C 97 -20.83 -9.42 3.82
C GLU C 97 -21.71 -10.68 3.91
N LEU C 98 -21.10 -11.85 3.74
CA LEU C 98 -21.84 -13.12 3.84
C LEU C 98 -22.48 -13.31 5.20
N VAL C 99 -21.73 -13.05 6.27
CA VAL C 99 -22.22 -13.25 7.62
C VAL C 99 -23.22 -12.14 7.98
N GLN C 100 -22.82 -10.90 7.73
CA GLN C 100 -23.58 -9.74 8.26
C GLN C 100 -24.80 -9.38 7.42
N PHE C 101 -24.73 -9.53 6.11
CA PHE C 101 -25.84 -9.17 5.23
CA PHE C 101 -25.85 -9.18 5.24
C PHE C 101 -26.65 -10.41 4.81
N TYR C 102 -25.96 -11.51 4.52
CA TYR C 102 -26.63 -12.71 4.01
C TYR C 102 -26.98 -13.80 5.04
N GLY C 103 -26.57 -13.60 6.29
CA GLY C 103 -26.92 -14.51 7.38
C GLY C 103 -26.25 -15.88 7.35
N CYS C 104 -25.06 -15.96 6.76
CA CYS C 104 -24.33 -17.23 6.74
C CYS C 104 -23.84 -17.61 8.14
N LYS C 105 -23.89 -18.91 8.44
CA LYS C 105 -23.63 -19.42 9.78
C LYS C 105 -22.52 -20.45 9.84
N THR C 106 -22.25 -21.09 8.71
CA THR C 106 -21.30 -22.20 8.72
C THR C 106 -20.45 -22.01 7.49
N LEU C 107 -19.18 -21.67 7.71
CA LEU C 107 -18.36 -21.25 6.59
C LEU C 107 -17.17 -22.20 6.52
N ILE C 108 -17.05 -22.90 5.40
CA ILE C 108 -15.92 -23.85 5.26
C ILE C 108 -15.07 -23.49 4.06
N ARG C 109 -13.83 -23.09 4.33
CA ARG C 109 -12.87 -22.82 3.31
C ARG C 109 -12.28 -24.13 2.83
N VAL C 110 -12.27 -24.33 1.51
CA VAL C 110 -11.59 -25.48 0.89
C VAL C 110 -10.53 -24.89 -0.03
N GLY C 111 -9.27 -25.30 0.15
CA GLY C 111 -8.20 -24.72 -0.65
C GLY C 111 -7.01 -25.63 -0.77
N THR C 112 -5.95 -25.11 -1.39
CA THR C 112 -4.67 -25.77 -1.44
C THR C 112 -3.68 -25.04 -0.55
N ALA C 113 -2.60 -25.72 -0.19
CA ALA C 113 -1.58 -25.11 0.65
C ALA C 113 -0.24 -25.72 0.30
N GLY C 114 0.82 -25.01 0.68
CA GLY C 114 2.20 -25.48 0.54
C GLY C 114 2.69 -26.07 1.85
N ALA C 115 3.14 -27.33 1.83
CA ALA C 115 3.64 -27.96 3.05
C ALA C 115 5.02 -27.41 3.39
N ILE C 116 5.30 -27.17 4.67
CA ILE C 116 6.61 -26.64 5.10
C ILE C 116 7.36 -27.62 6.01
N THR C 117 6.89 -28.86 6.03
CA THR C 117 7.53 -29.93 6.79
C THR C 117 7.49 -31.24 5.99
N GLU C 118 8.62 -31.95 5.99
CA GLU C 118 8.69 -33.25 5.32
C GLU C 118 7.84 -34.31 6.02
N ARG C 119 7.37 -34.03 7.23
CA ARG C 119 6.34 -34.86 7.85
C ARG C 119 5.08 -34.96 6.98
N LEU C 120 4.88 -33.96 6.12
CA LEU C 120 3.74 -33.93 5.21
C LEU C 120 4.16 -34.33 3.81
N LYS C 121 3.26 -35.01 3.11
CA LYS C 121 3.48 -35.43 1.74
C LYS C 121 2.49 -34.76 0.82
N LEU C 122 2.84 -34.64 -0.47
CA LEU C 122 1.89 -34.16 -1.47
C LEU C 122 0.58 -34.94 -1.37
N ARG C 123 -0.53 -34.23 -1.52
CA ARG C 123 -1.88 -34.83 -1.46
C ARG C 123 -2.41 -35.14 -0.05
N ASP C 124 -1.64 -34.84 1.00
CA ASP C 124 -2.14 -35.00 2.36
C ASP C 124 -3.24 -33.95 2.49
N LEU C 125 -4.23 -34.24 3.33
CA LEU C 125 -5.23 -33.25 3.72
C LEU C 125 -4.78 -32.64 5.04
N VAL C 126 -4.93 -31.32 5.16
CA VAL C 126 -4.63 -30.66 6.40
C VAL C 126 -5.91 -29.96 6.84
N ILE C 127 -6.31 -30.22 8.07
CA ILE C 127 -7.45 -29.48 8.66
C ILE C 127 -6.84 -28.49 9.66
N ALA C 128 -7.05 -27.19 9.42
CA ALA C 128 -6.38 -26.16 10.22
C ALA C 128 -7.04 -26.01 11.61
N GLN C 129 -6.39 -26.52 12.66
CA GLN C 129 -6.92 -26.33 14.04
C GLN C 129 -6.85 -24.88 14.44
N ALA C 130 -5.83 -24.18 13.95
CA ALA C 130 -5.69 -22.73 14.18
C ALA C 130 -4.86 -22.19 13.01
N ALA C 131 -4.71 -20.88 12.95
CA ALA C 131 -3.99 -20.26 11.87
C ALA C 131 -3.10 -19.17 12.39
N CYS C 132 -1.78 -19.39 12.27
CA CYS C 132 -0.78 -18.37 12.54
C CYS C 132 -0.87 -17.30 11.46
N THR C 133 -0.28 -16.13 11.69
CA THR C 133 -0.31 -15.10 10.65
C THR C 133 0.83 -14.12 10.75
N ASP C 134 1.18 -13.52 9.60
CA ASP C 134 2.04 -12.34 9.59
C ASP C 134 1.29 -11.04 9.31
N SER C 135 -0.04 -11.18 9.19
CA SER C 135 -0.93 -10.02 8.99
C SER C 135 -1.00 -9.16 10.27
N SER C 136 -1.27 -7.86 10.10
CA SER C 136 -1.36 -6.97 11.22
C SER C 136 -2.78 -6.99 11.80
N ILE C 137 -3.72 -7.72 11.19
CA ILE C 137 -5.14 -7.64 11.67
C ILE C 137 -5.34 -7.76 13.17
N ASN C 138 -4.67 -8.70 13.82
CA ASN C 138 -4.89 -8.86 15.27
C ASN C 138 -3.89 -8.14 16.16
N ASN C 139 -2.69 -7.90 15.65
CA ASN C 139 -1.77 -7.03 16.33
C ASN C 139 -2.40 -5.65 16.58
N LEU C 140 -3.14 -5.17 15.59
CA LEU C 140 -3.86 -3.90 15.73
C LEU C 140 -5.02 -4.04 16.71
N ARG C 141 -5.84 -5.05 16.47
CA ARG C 141 -7.01 -5.31 17.35
C ARG C 141 -6.64 -5.50 18.83
N PHE C 142 -5.58 -6.24 19.10
CA PHE C 142 -5.22 -6.62 20.47
C PHE C 142 -3.99 -5.87 21.01
N ALA C 143 -3.62 -4.77 20.35
CA ALA C 143 -2.52 -3.91 20.79
C ALA C 143 -1.26 -4.70 21.08
N GLY C 144 -0.94 -5.58 20.15
CA GLY C 144 0.30 -6.35 20.25
C GLY C 144 0.28 -7.64 21.05
N GLN C 145 -0.78 -7.90 21.80
CA GLN C 145 -0.99 -9.19 22.45
C GLN C 145 -1.25 -10.26 21.37
N ASN C 146 -1.21 -11.53 21.74
CA ASN C 146 -1.39 -12.62 20.78
C ASN C 146 -2.73 -13.32 20.86
N TYR C 147 -3.50 -13.19 19.80
CA TYR C 147 -4.75 -13.89 19.62
C TYR C 147 -4.54 -15.08 18.67
N ALA C 148 -4.97 -16.24 19.12
CA ALA C 148 -4.98 -17.48 18.34
C ALA C 148 -6.30 -17.70 17.58
N PRO C 149 -6.33 -17.41 16.26
CA PRO C 149 -7.54 -17.68 15.49
C PRO C 149 -7.74 -19.19 15.35
N ILE C 150 -8.91 -19.69 15.73
CA ILE C 150 -9.16 -21.14 15.81
C ILE C 150 -10.38 -21.63 15.02
N ALA C 151 -10.35 -22.90 14.61
CA ALA C 151 -11.49 -23.52 13.97
C ALA C 151 -12.59 -23.79 15.00
N THR C 152 -13.83 -23.85 14.53
CA THR C 152 -14.91 -24.43 15.35
C THR C 152 -14.67 -25.92 15.61
N PHE C 153 -14.51 -26.28 16.89
CA PHE C 153 -14.15 -27.67 17.23
C PHE C 153 -15.13 -28.70 16.64
N ASP C 154 -16.43 -28.45 16.77
CA ASP C 154 -17.40 -29.38 16.20
C ASP C 154 -17.16 -29.68 14.71
N LEU C 155 -16.84 -28.65 13.92
CA LEU C 155 -16.60 -28.82 12.49
C LEU C 155 -15.27 -29.54 12.28
N LEU C 156 -14.25 -29.14 13.05
CA LEU C 156 -12.92 -29.79 13.00
C LEU C 156 -13.07 -31.31 13.22
N ARG C 157 -13.83 -31.67 14.25
CA ARG C 157 -13.99 -33.05 14.65
C ARG C 157 -14.75 -33.84 13.59
N ARG C 158 -15.81 -33.25 13.07
CA ARG C 158 -16.61 -33.89 12.05
C ARG C 158 -15.86 -34.09 10.74
N ALA C 159 -15.10 -33.08 10.32
CA ALA C 159 -14.30 -33.19 9.11
C ALA C 159 -13.23 -34.26 9.28
N TYR C 160 -12.64 -34.34 10.47
CA TYR C 160 -11.59 -35.31 10.72
C TYR C 160 -12.14 -36.74 10.58
N GLU C 161 -13.27 -36.98 11.22
CA GLU C 161 -13.96 -38.27 11.16
CA GLU C 161 -13.92 -38.30 11.16
C GLU C 161 -14.31 -38.65 9.73
N GLN C 162 -14.70 -37.64 8.94
CA GLN C 162 -15.01 -37.87 7.52
C GLN C 162 -13.78 -38.30 6.73
N ALA C 163 -12.66 -37.61 6.94
CA ALA C 163 -11.40 -37.96 6.26
C ALA C 163 -10.94 -39.35 6.67
N GLN C 164 -10.99 -39.62 7.98
CA GLN C 164 -10.68 -40.95 8.54
C GLN C 164 -11.49 -42.08 7.90
N SER C 165 -12.81 -41.89 7.79
CA SER C 165 -13.71 -42.89 7.22
CA SER C 165 -13.70 -42.91 7.24
C SER C 165 -13.38 -43.24 5.78
N ARG C 166 -12.66 -42.35 5.11
CA ARG C 166 -12.25 -42.53 3.73
C ARG C 166 -10.81 -43.01 3.61
N GLY C 167 -10.15 -43.20 4.76
CA GLY C 167 -8.73 -43.59 4.78
C GLY C 167 -7.82 -42.58 4.10
N MSE C 168 -8.17 -41.31 4.20
CA MSE C 168 -7.36 -40.23 3.64
C MSE C 168 -6.24 -39.85 4.59
O MSE C 168 -6.46 -39.80 5.80
CB MSE C 168 -8.23 -39.01 3.42
CG MSE C 168 -9.24 -39.21 2.29
SE MSE C 168 -10.43 -37.63 2.29
CE MSE C 168 -9.19 -36.38 1.42
N PRO C 169 -5.03 -39.59 4.05
CA PRO C 169 -3.94 -39.17 4.92
C PRO C 169 -4.22 -37.74 5.35
N VAL C 170 -4.45 -37.56 6.64
CA VAL C 170 -4.93 -36.30 7.17
C VAL C 170 -4.15 -35.89 8.41
N HIS C 171 -3.91 -34.58 8.54
CA HIS C 171 -3.23 -34.01 9.70
C HIS C 171 -4.09 -32.89 10.23
N VAL C 172 -4.12 -32.75 11.55
CA VAL C 172 -4.87 -31.63 12.18
C VAL C 172 -3.83 -30.83 12.92
N GLY C 173 -3.71 -29.54 12.57
CA GLY C 173 -2.74 -28.69 13.25
C GLY C 173 -2.73 -27.28 12.73
N ASN C 174 -1.60 -26.62 12.94
CA ASN C 174 -1.37 -25.23 12.58
C ASN C 174 -1.11 -25.01 11.11
N VAL C 175 -1.66 -23.92 10.60
CA VAL C 175 -1.24 -23.38 9.30
C VAL C 175 -0.76 -21.95 9.52
N LEU C 176 -0.02 -21.41 8.54
CA LEU C 176 0.32 -20.01 8.55
C LEU C 176 -0.37 -19.29 7.40
N SER C 177 -1.19 -18.29 7.74
CA SER C 177 -1.76 -17.43 6.78
C SER C 177 -0.88 -16.21 6.53
N THR C 178 -0.26 -16.18 5.34
CA THR C 178 0.64 -15.08 5.03
C THR C 178 0.02 -14.02 4.12
N ASP C 179 0.46 -12.76 4.30
CA ASP C 179 0.17 -11.67 3.37
C ASP C 179 1.01 -11.79 2.10
N THR C 180 2.06 -12.59 2.19
CA THR C 180 3.13 -12.48 1.20
C THR C 180 3.45 -13.81 0.47
N PHE C 181 2.93 -13.91 -0.73
CA PHE C 181 3.16 -15.07 -1.58
C PHE C 181 4.65 -15.12 -1.95
N TYR C 182 5.20 -13.95 -2.26
CA TYR C 182 6.62 -13.83 -2.70
C TYR C 182 7.47 -13.10 -1.66
N HIS C 183 8.18 -13.85 -0.82
CA HIS C 183 9.02 -13.27 0.22
C HIS C 183 10.32 -12.69 -0.32
N ASP C 184 10.85 -11.69 0.39
CA ASP C 184 12.12 -11.03 0.03
C ASP C 184 13.29 -12.01 0.04
N GLN C 185 13.33 -12.89 1.03
CA GLN C 185 14.46 -13.80 1.16
C GLN C 185 14.05 -15.26 1.05
N PRO C 186 15.02 -16.17 0.79
CA PRO C 186 14.74 -17.60 0.76
C PRO C 186 14.40 -18.17 2.14
N ASN C 187 13.85 -19.38 2.16
CA ASN C 187 13.51 -20.09 3.40
C ASN C 187 12.70 -19.27 4.41
N PRO C 188 11.64 -18.61 3.95
CA PRO C 188 10.89 -17.78 4.90
C PRO C 188 10.17 -18.57 5.99
N TYR C 189 9.91 -19.86 5.78
CA TYR C 189 9.03 -20.61 6.69
C TYR C 189 9.73 -21.54 7.70
N GLN C 190 11.06 -21.47 7.75
CA GLN C 190 11.80 -22.40 8.58
C GLN C 190 11.42 -22.34 10.08
N LEU C 191 11.35 -21.12 10.62
CA LEU C 191 11.06 -20.99 12.05
C LEU C 191 9.65 -21.53 12.36
N TRP C 192 8.69 -21.22 11.51
CA TRP C 192 7.32 -21.74 11.67
C TRP C 192 7.29 -23.26 11.73
N ALA C 193 8.01 -23.90 10.81
CA ALA C 193 8.08 -25.34 10.76
C ALA C 193 8.73 -25.90 12.04
N GLN C 194 9.78 -25.25 12.55
CA GLN C 194 10.44 -25.68 13.79
C GLN C 194 9.48 -25.68 14.95
N PHE C 195 8.44 -24.85 14.84
CA PHE C 195 7.42 -24.80 15.88
C PHE C 195 6.12 -25.50 15.47
N GLY C 196 6.26 -26.51 14.59
CA GLY C 196 5.16 -27.43 14.29
C GLY C 196 4.16 -27.00 13.22
N VAL C 197 4.36 -25.82 12.64
CA VAL C 197 3.42 -25.33 11.59
C VAL C 197 3.50 -26.23 10.36
N LEU C 198 2.35 -26.64 9.83
CA LEU C 198 2.30 -27.71 8.82
C LEU C 198 2.42 -27.20 7.39
N ALA C 199 1.77 -26.08 7.09
CA ALA C 199 1.53 -25.64 5.72
C ALA C 199 1.20 -24.14 5.72
N VAL C 200 1.31 -23.54 4.55
CA VAL C 200 1.15 -22.10 4.34
C VAL C 200 0.01 -21.84 3.35
N GLU C 201 -0.89 -20.90 3.69
CA GLU C 201 -1.89 -20.39 2.78
C GLU C 201 -2.08 -18.90 3.11
N MSE C 202 -3.22 -18.29 2.75
CA MSE C 202 -3.26 -16.81 2.84
C MSE C 202 -4.52 -16.22 3.47
O MSE C 202 -4.63 -14.99 3.53
CB MSE C 202 -3.06 -16.19 1.46
CG MSE C 202 -1.63 -16.46 0.92
SE MSE C 202 -1.40 -15.65 -0.85
CE MSE C 202 -1.29 -13.75 -0.26
N GLU C 203 -5.41 -17.07 3.98
CA GLU C 203 -6.76 -16.57 4.39
C GLU C 203 -7.29 -17.09 5.74
N ALA C 204 -6.85 -18.28 6.18
CA ALA C 204 -7.45 -18.94 7.34
C ALA C 204 -7.51 -18.06 8.59
N ALA C 205 -6.44 -17.32 8.86
CA ALA C 205 -6.43 -16.45 10.04
C ALA C 205 -7.55 -15.44 9.99
N GLY C 206 -7.86 -14.93 8.80
CA GLY C 206 -8.94 -13.92 8.66
C GLY C 206 -10.26 -14.61 8.88
N LEU C 207 -10.43 -15.78 8.25
CA LEU C 207 -11.69 -16.52 8.39
C LEU C 207 -11.96 -16.84 9.86
N TYR C 208 -10.98 -17.39 10.56
CA TYR C 208 -11.17 -17.81 11.96
C TYR C 208 -11.44 -16.61 12.89
N THR C 209 -10.84 -15.47 12.60
CA THR C 209 -11.00 -14.26 13.43
C THR C 209 -12.40 -13.68 13.26
N LEU C 210 -12.82 -13.50 12.02
CA LEU C 210 -14.16 -12.94 11.73
C LEU C 210 -15.25 -13.90 12.19
N ALA C 211 -15.06 -15.23 12.06
CA ALA C 211 -16.10 -16.17 12.52
C ALA C 211 -16.34 -15.96 14.02
N ALA C 212 -15.24 -15.77 14.75
CA ALA C 212 -15.31 -15.46 16.19
C ALA C 212 -15.93 -14.10 16.45
N LYS C 213 -15.55 -13.10 15.66
CA LYS C 213 -16.09 -11.73 15.81
C LYS C 213 -17.62 -11.78 15.74
N PHE C 214 -18.16 -12.63 14.88
CA PHE C 214 -19.61 -12.65 14.62
C PHE C 214 -20.32 -13.83 15.26
N GLY C 215 -19.57 -14.67 15.96
CA GLY C 215 -20.14 -15.82 16.66
C GLY C 215 -20.79 -16.85 15.73
N VAL C 216 -20.12 -17.12 14.61
CA VAL C 216 -20.54 -18.14 13.65
C VAL C 216 -19.43 -19.21 13.62
N GLN C 217 -19.68 -20.25 12.84
CA GLN C 217 -18.80 -21.41 12.86
CA GLN C 217 -18.88 -21.50 12.81
C GLN C 217 -17.98 -21.47 11.58
N ALA C 218 -16.70 -21.84 11.71
CA ALA C 218 -15.86 -21.84 10.54
C ALA C 218 -14.84 -22.97 10.63
N LEU C 219 -14.39 -23.39 9.46
CA LEU C 219 -13.32 -24.40 9.30
C LEU C 219 -12.58 -24.16 8.00
N CYS C 220 -11.28 -24.46 7.99
CA CYS C 220 -10.48 -24.37 6.79
C CYS C 220 -9.86 -25.77 6.58
N ILE C 221 -10.14 -26.33 5.42
CA ILE C 221 -9.64 -27.65 5.01
C ILE C 221 -8.73 -27.43 3.81
N LEU C 222 -7.57 -28.11 3.76
CA LEU C 222 -6.58 -27.83 2.73
C LEU C 222 -6.01 -29.11 2.16
N THR C 223 -5.71 -29.09 0.87
CA THR C 223 -4.97 -30.18 0.21
CA THR C 223 -4.93 -30.19 0.31
C THR C 223 -3.54 -29.70 -0.09
N ILE C 224 -2.54 -30.55 0.18
CA ILE C 224 -1.16 -30.19 -0.07
C ILE C 224 -0.87 -30.40 -1.55
N SER C 225 -0.73 -29.30 -2.27
CA SER C 225 -0.55 -29.30 -3.72
C SER C 225 0.91 -29.09 -4.09
N ASP C 226 1.66 -28.42 -3.21
CA ASP C 226 3.08 -28.12 -3.41
C ASP C 226 3.84 -28.41 -2.14
N HIS C 227 5.02 -28.99 -2.27
CA HIS C 227 5.88 -29.14 -1.12
C HIS C 227 7.02 -28.15 -1.15
N LEU C 228 6.95 -27.16 -0.26
CA LEU C 228 7.88 -26.04 -0.26
C LEU C 228 9.29 -26.42 0.22
N ILE C 229 9.43 -27.60 0.82
CA ILE C 229 10.74 -28.10 1.22
C ILE C 229 11.39 -28.92 0.10
N THR C 230 10.64 -29.88 -0.45
CA THR C 230 11.21 -30.83 -1.43
C THR C 230 11.09 -30.31 -2.85
N GLY C 231 10.25 -29.29 -3.04
CA GLY C 231 10.03 -28.70 -4.35
C GLY C 231 9.03 -29.47 -5.18
N GLU C 232 8.57 -30.60 -4.67
CA GLU C 232 7.59 -31.44 -5.35
C GLU C 232 6.29 -30.69 -5.64
N LYS C 233 5.68 -31.05 -6.76
CA LYS C 233 4.41 -30.48 -7.17
C LYS C 233 3.50 -31.57 -7.73
N THR C 234 2.22 -31.44 -7.43
CA THR C 234 1.21 -32.37 -7.92
C THR C 234 0.90 -32.11 -9.40
N THR C 235 0.59 -33.19 -10.13
CA THR C 235 0.10 -33.09 -11.49
C THR C 235 -1.35 -32.60 -11.48
N PRO C 236 -1.84 -31.99 -12.59
CA PRO C 236 -3.22 -31.53 -12.70
C PRO C 236 -4.27 -32.63 -12.42
N GLN C 237 -3.97 -33.86 -12.83
CA GLN C 237 -4.86 -35.00 -12.58
C GLN C 237 -4.93 -35.32 -11.08
N GLU C 238 -3.78 -35.24 -10.41
CA GLU C 238 -3.69 -35.46 -8.97
C GLU C 238 -4.43 -34.38 -8.20
N ARG C 239 -4.26 -33.12 -8.63
CA ARG C 239 -4.98 -32.02 -8.00
C ARG C 239 -6.48 -32.24 -8.01
N GLN C 240 -7.03 -32.70 -9.14
CA GLN C 240 -8.48 -32.88 -9.28
C GLN C 240 -9.04 -33.99 -8.39
N GLU C 241 -8.36 -35.14 -8.38
CA GLU C 241 -8.82 -36.30 -7.63
C GLU C 241 -8.90 -36.00 -6.11
N THR C 242 -7.83 -35.40 -5.58
CA THR C 242 -7.79 -35.08 -4.15
C THR C 242 -8.72 -33.92 -3.83
N PHE C 243 -8.77 -32.93 -4.72
CA PHE C 243 -9.69 -31.80 -4.57
C PHE C 243 -11.14 -32.26 -4.45
N ASP C 244 -11.58 -33.14 -5.35
CA ASP C 244 -12.93 -33.72 -5.29
C ASP C 244 -13.18 -34.41 -3.96
N GLN C 245 -12.17 -35.15 -3.48
CA GLN C 245 -12.28 -35.83 -2.18
C GLN C 245 -12.49 -34.82 -1.06
N MSE C 246 -11.75 -33.71 -1.10
CA MSE C 246 -11.83 -32.68 -0.07
C MSE C 246 -13.20 -32.08 -0.09
O MSE C 246 -13.78 -31.86 0.96
CB MSE C 246 -10.75 -31.60 -0.27
CG MSE C 246 -11.07 -30.32 0.51
SE MSE C 246 -9.52 -29.11 0.36
CE MSE C 246 -9.58 -28.73 -1.57
N ILE C 247 -13.73 -31.82 -1.28
CA ILE C 247 -15.08 -31.25 -1.41
C ILE C 247 -16.14 -32.17 -0.81
N GLU C 248 -16.04 -33.47 -1.06
CA GLU C 248 -16.98 -34.45 -0.48
C GLU C 248 -16.95 -34.40 1.05
N VAL C 249 -15.74 -34.38 1.61
CA VAL C 249 -15.54 -34.24 3.05
C VAL C 249 -16.22 -32.95 3.58
N ALA C 250 -15.99 -31.83 2.90
CA ALA C 250 -16.59 -30.55 3.30
C ALA C 250 -18.10 -30.63 3.29
N LEU C 251 -18.67 -31.17 2.22
CA LEU C 251 -20.13 -31.26 2.10
C LEU C 251 -20.76 -32.16 3.17
N GLU C 252 -20.06 -33.22 3.54
CA GLU C 252 -20.53 -34.12 4.58
C GLU C 252 -20.32 -33.55 5.99
N THR C 253 -19.49 -32.52 6.09
CA THR C 253 -19.22 -31.88 7.38
C THR C 253 -20.27 -30.84 7.75
N ILE C 254 -20.75 -30.09 6.75
CA ILE C 254 -21.76 -29.04 7.01
C ILE C 254 -23.10 -29.63 7.42
P PO4 D . 6.11 -3.43 -25.27
O1 PO4 D . 5.18 -3.22 -26.46
O2 PO4 D . 7.54 -3.44 -25.78
O3 PO4 D . 5.98 -2.30 -24.30
O4 PO4 D . 5.83 -4.73 -24.59
MG MG E . 1.46 12.07 -25.50
P PO4 F . -30.88 -21.92 4.40
O1 PO4 F . -32.02 -21.69 5.37
O2 PO4 F . -31.31 -22.87 3.31
O3 PO4 F . -30.50 -20.58 3.80
O4 PO4 F . -29.73 -22.50 5.16
#